data_1P0C
#
_entry.id   1P0C
#
_cell.length_a   122.551
_cell.length_b   79.523
_cell.length_c   91.892
_cell.angle_alpha   90.00
_cell.angle_beta   113.10
_cell.angle_gamma   90.00
#
_symmetry.space_group_name_H-M   'C 1 2 1'
#
loop_
_entity.id
_entity.type
_entity.pdbx_description
1 polymer 'NADP-dependent ALCOHOL DEHYDROGENASE'
2 non-polymer 'ZINC ION'
3 non-polymer 'PHOSPHATE ION'
4 non-polymer GLYCEROL
5 water water
#
_entity_poly.entity_id   1
_entity_poly.type   'polypeptide(L)'
_entity_poly.pdbx_seq_one_letter_code
;MCTAGKDITCKAAVAWEPHKPLSLETITVAPPKAHEVRIKILASGICGSDSSVLKEIIPSKFPVILGHEAVGVVESIGAG
VTCVKPGDKVIPLFVPQCGSCRACKSSNSNFCEKNDMGAKTGLMADMTSRFTCRGKPIYNLMGTSTFTEYTVVADIAVAK
IDPKAPLESCLIGCGFATGYGAAVNTAKVTPGSTCAVFGLGGVGFSAIVGCKAAGASRIIGVGTHKDKFPKAIELGATEC
LNPKDYDKPIYEVICEKTNGGVDYAVECAGRIETMMNALQSTYCGSGVTVVLGLASPNERLPLDPLLLLTGRSLKGSVFG
GFKGEEVSRLVDDYMKKKINVNFLVSTKLTLDQINKAFELLSSGQGVRSIMIY
;
_entity_poly.pdbx_strand_id   A,B
#
# COMPACT_ATOMS: atom_id res chain seq x y z
N CYS A 2 -14.29 -4.66 -49.55
CA CYS A 2 -15.39 -5.66 -49.51
C CYS A 2 -16.47 -5.22 -48.52
N THR A 3 -16.08 -4.97 -47.28
CA THR A 3 -17.02 -4.54 -46.26
C THR A 3 -16.75 -3.12 -45.78
N ALA A 4 -15.61 -2.55 -46.20
CA ALA A 4 -15.25 -1.20 -45.80
C ALA A 4 -16.39 -0.24 -46.08
N GLY A 5 -16.72 0.59 -45.09
CA GLY A 5 -17.79 1.55 -45.26
C GLY A 5 -19.21 1.00 -45.29
N LYS A 6 -19.38 -0.26 -44.94
CA LYS A 6 -20.71 -0.89 -44.95
C LYS A 6 -21.04 -1.50 -43.59
N ASP A 7 -22.33 -1.59 -43.29
CA ASP A 7 -22.74 -2.21 -42.04
C ASP A 7 -22.50 -3.69 -42.22
N ILE A 8 -22.02 -4.35 -41.17
CA ILE A 8 -21.77 -5.79 -41.24
C ILE A 8 -22.82 -6.48 -40.39
N THR A 9 -23.38 -7.56 -40.91
CA THR A 9 -24.35 -8.34 -40.17
C THR A 9 -23.55 -9.53 -39.62
N CYS A 10 -23.67 -9.80 -38.33
CA CYS A 10 -22.93 -10.93 -37.77
C CYS A 10 -23.53 -11.50 -36.49
N LYS A 11 -22.83 -12.47 -35.90
CA LYS A 11 -23.30 -13.09 -34.68
C LYS A 11 -22.59 -12.51 -33.46
N ALA A 12 -23.33 -12.42 -32.36
CA ALA A 12 -22.84 -11.90 -31.10
C ALA A 12 -23.65 -12.47 -29.94
N ALA A 13 -23.03 -12.53 -28.77
CA ALA A 13 -23.69 -12.99 -27.56
C ALA A 13 -24.08 -11.73 -26.81
N VAL A 14 -25.38 -11.46 -26.75
CA VAL A 14 -25.90 -10.26 -26.09
C VAL A 14 -26.48 -10.52 -24.71
N ALA A 15 -26.15 -9.67 -23.75
CA ALA A 15 -26.70 -9.78 -22.41
C ALA A 15 -27.82 -8.75 -22.37
N TRP A 16 -29.06 -9.21 -22.56
CA TRP A 16 -30.20 -8.30 -22.57
C TRP A 16 -30.50 -7.79 -21.17
N GLU A 17 -30.14 -8.59 -20.18
CA GLU A 17 -30.36 -8.21 -18.80
C GLU A 17 -29.47 -9.06 -17.92
N PRO A 18 -29.22 -8.63 -16.68
CA PRO A 18 -28.37 -9.35 -15.74
C PRO A 18 -29.00 -10.66 -15.29
N HIS A 19 -28.19 -11.49 -14.64
CA HIS A 19 -28.63 -12.77 -14.09
C HIS A 19 -29.27 -13.75 -15.05
N LYS A 20 -28.98 -13.62 -16.33
CA LYS A 20 -29.55 -14.54 -17.30
C LYS A 20 -28.51 -14.99 -18.30
N PRO A 21 -28.71 -16.17 -18.91
CA PRO A 21 -27.74 -16.65 -19.88
C PRO A 21 -27.65 -15.65 -21.04
N LEU A 22 -26.49 -15.58 -21.67
CA LEU A 22 -26.29 -14.69 -22.80
C LEU A 22 -27.11 -15.22 -23.95
N SER A 23 -27.63 -14.32 -24.77
CA SER A 23 -28.45 -14.68 -25.92
C SER A 23 -27.64 -14.56 -27.22
N LEU A 24 -27.63 -15.61 -28.02
CA LEU A 24 -26.93 -15.58 -29.30
C LEU A 24 -27.84 -14.87 -30.32
N GLU A 25 -27.39 -13.71 -30.80
CA GLU A 25 -28.19 -12.92 -31.73
C GLU A 25 -27.45 -12.60 -33.02
N THR A 26 -28.22 -12.10 -33.98
CA THR A 26 -27.67 -11.64 -35.24
C THR A 26 -27.75 -10.13 -34.99
N ILE A 27 -26.61 -9.44 -35.04
CA ILE A 27 -26.59 -8.01 -34.80
C ILE A 27 -26.03 -7.31 -36.03
N THR A 28 -26.04 -5.99 -36.01
CA THR A 28 -25.49 -5.19 -37.10
C THR A 28 -24.39 -4.32 -36.49
N VAL A 29 -23.23 -4.30 -37.13
CA VAL A 29 -22.12 -3.50 -36.64
C VAL A 29 -21.81 -2.42 -37.66
N ALA A 30 -21.95 -1.17 -37.22
CA ALA A 30 -21.71 -0.04 -38.10
C ALA A 30 -20.24 0.16 -38.44
N PRO A 31 -19.97 0.82 -39.57
CA PRO A 31 -18.59 1.09 -40.00
C PRO A 31 -17.96 2.06 -39.00
N PRO A 32 -16.63 2.06 -38.90
CA PRO A 32 -15.95 2.95 -37.94
C PRO A 32 -16.00 4.45 -38.29
N LYS A 33 -16.21 5.28 -37.28
CA LYS A 33 -16.22 6.72 -37.48
C LYS A 33 -14.80 7.22 -37.22
N ALA A 34 -14.62 8.54 -37.24
CA ALA A 34 -13.31 9.15 -37.03
C ALA A 34 -12.54 8.57 -35.84
N HIS A 35 -11.29 8.23 -36.08
CA HIS A 35 -10.44 7.67 -35.03
C HIS A 35 -10.97 6.41 -34.37
N GLU A 36 -11.67 5.58 -35.16
CA GLU A 36 -12.22 4.33 -34.65
C GLU A 36 -11.70 3.24 -35.57
N VAL A 37 -11.71 2.01 -35.10
CA VAL A 37 -11.22 0.88 -35.88
C VAL A 37 -12.20 -0.27 -35.76
N ARG A 38 -12.57 -0.89 -36.86
CA ARG A 38 -13.47 -2.04 -36.79
C ARG A 38 -12.62 -3.30 -36.88
N ILE A 39 -12.83 -4.21 -35.93
CA ILE A 39 -12.03 -5.42 -35.85
C ILE A 39 -12.79 -6.73 -36.01
N LYS A 40 -12.18 -7.65 -36.77
CA LYS A 40 -12.74 -8.98 -36.95
C LYS A 40 -12.09 -9.84 -35.87
N ILE A 41 -12.87 -10.20 -34.85
CA ILE A 41 -12.35 -11.01 -33.74
C ILE A 41 -12.02 -12.43 -34.20
N LEU A 42 -10.80 -12.87 -33.89
CA LEU A 42 -10.36 -14.23 -34.26
C LEU A 42 -10.59 -15.17 -33.07
N ALA A 43 -10.35 -14.67 -31.87
CA ALA A 43 -10.56 -15.46 -30.66
C ALA A 43 -10.83 -14.57 -29.46
N SER A 44 -11.62 -15.08 -28.52
CA SER A 44 -11.95 -14.32 -27.33
C SER A 44 -11.98 -15.22 -26.11
N GLY A 45 -11.51 -14.70 -24.98
CA GLY A 45 -11.54 -15.49 -23.76
C GLY A 45 -12.70 -15.03 -22.90
N ILE A 46 -13.07 -15.82 -21.91
CA ILE A 46 -14.15 -15.44 -21.00
C ILE A 46 -13.47 -15.18 -19.66
N CYS A 47 -13.63 -13.97 -19.14
CA CYS A 47 -13.00 -13.62 -17.88
C CYS A 47 -13.99 -13.54 -16.71
N GLY A 48 -13.45 -13.65 -15.50
CA GLY A 48 -14.27 -13.57 -14.31
C GLY A 48 -14.99 -12.23 -14.26
N SER A 49 -14.35 -11.18 -14.78
CA SER A 49 -14.93 -9.84 -14.81
C SER A 49 -16.23 -9.85 -15.63
N ASP A 50 -16.22 -10.58 -16.73
CA ASP A 50 -17.40 -10.69 -17.58
C ASP A 50 -18.53 -11.30 -16.77
N SER A 51 -18.19 -12.30 -15.96
CA SER A 51 -19.18 -12.95 -15.13
C SER A 51 -19.71 -11.97 -14.09
N SER A 52 -18.82 -11.16 -13.53
CA SER A 52 -19.19 -10.16 -12.53
C SER A 52 -20.18 -9.11 -13.02
N VAL A 53 -20.06 -8.70 -14.29
CA VAL A 53 -20.99 -7.72 -14.83
C VAL A 53 -22.37 -8.37 -14.89
N LEU A 54 -22.44 -9.61 -15.35
CA LEU A 54 -23.71 -10.33 -15.42
C LEU A 54 -24.38 -10.45 -14.05
N LYS A 55 -23.59 -10.74 -13.03
CA LYS A 55 -24.12 -10.88 -11.68
C LYS A 55 -24.25 -9.54 -10.96
N GLU A 56 -24.08 -8.47 -11.72
CA GLU A 56 -24.18 -7.11 -11.19
C GLU A 56 -23.15 -6.76 -10.11
N ILE A 57 -22.06 -7.51 -10.06
CA ILE A 57 -21.02 -7.22 -9.08
C ILE A 57 -20.30 -5.98 -9.62
N ILE A 58 -20.15 -5.91 -10.94
CA ILE A 58 -19.53 -4.77 -11.59
C ILE A 58 -20.65 -4.07 -12.35
N PRO A 59 -20.87 -2.76 -12.08
CA PRO A 59 -21.91 -1.95 -12.71
C PRO A 59 -21.83 -1.87 -14.23
N SER A 60 -22.98 -1.74 -14.88
CA SER A 60 -23.04 -1.63 -16.34
C SER A 60 -24.44 -1.40 -16.86
N LYS A 61 -24.54 -0.78 -18.02
CA LYS A 61 -25.84 -0.58 -18.63
C LYS A 61 -26.16 -1.86 -19.40
N PHE A 62 -27.44 -2.09 -19.65
CA PHE A 62 -27.89 -3.26 -20.41
C PHE A 62 -28.92 -2.69 -21.37
N PRO A 63 -29.10 -3.31 -22.55
CA PRO A 63 -28.42 -4.49 -23.07
C PRO A 63 -26.96 -4.18 -23.40
N VAL A 64 -26.09 -5.16 -23.20
CA VAL A 64 -24.68 -4.95 -23.47
C VAL A 64 -24.00 -6.19 -24.06
N ILE A 65 -22.94 -5.97 -24.84
CA ILE A 65 -22.17 -7.05 -25.40
C ILE A 65 -20.91 -7.06 -24.53
N LEU A 66 -20.67 -8.18 -23.85
CA LEU A 66 -19.53 -8.28 -22.96
C LEU A 66 -18.27 -8.81 -23.64
N GLY A 67 -17.25 -9.07 -22.83
CA GLY A 67 -15.99 -9.59 -23.35
C GLY A 67 -14.95 -8.50 -23.55
N HIS A 68 -13.75 -8.73 -23.05
CA HIS A 68 -12.69 -7.75 -23.22
C HIS A 68 -11.32 -8.41 -23.29
N GLU A 69 -11.30 -9.65 -23.75
CA GLU A 69 -10.06 -10.42 -23.85
C GLU A 69 -10.09 -11.06 -25.24
N ALA A 70 -9.32 -10.51 -26.18
CA ALA A 70 -9.34 -11.05 -27.53
C ALA A 70 -8.21 -10.64 -28.44
N VAL A 71 -8.16 -11.30 -29.59
CA VAL A 71 -7.19 -10.99 -30.61
C VAL A 71 -7.97 -11.01 -31.92
N GLY A 72 -7.67 -10.07 -32.81
CA GLY A 72 -8.36 -10.02 -34.08
C GLY A 72 -7.54 -9.33 -35.14
N VAL A 73 -8.16 -9.09 -36.29
CA VAL A 73 -7.52 -8.43 -37.41
C VAL A 73 -8.37 -7.23 -37.83
N VAL A 74 -7.70 -6.12 -38.11
CA VAL A 74 -8.38 -4.90 -38.54
C VAL A 74 -9.07 -5.11 -39.89
N GLU A 75 -10.37 -4.81 -39.94
CA GLU A 75 -11.14 -4.97 -41.16
C GLU A 75 -11.18 -3.64 -41.91
N SER A 76 -11.28 -2.54 -41.17
CA SER A 76 -11.31 -1.23 -41.78
C SER A 76 -11.00 -0.18 -40.72
N ILE A 77 -10.63 1.01 -41.16
CA ILE A 77 -10.31 2.09 -40.24
C ILE A 77 -11.10 3.36 -40.53
N GLY A 78 -11.33 4.15 -39.49
CA GLY A 78 -12.06 5.39 -39.67
C GLY A 78 -11.13 6.53 -40.05
N ALA A 79 -11.71 7.67 -40.40
CA ALA A 79 -10.93 8.84 -40.79
C ALA A 79 -9.90 9.26 -39.74
N GLY A 80 -8.69 9.55 -40.19
CA GLY A 80 -7.66 10.00 -39.27
C GLY A 80 -6.85 8.96 -38.52
N VAL A 81 -7.16 7.69 -38.73
CA VAL A 81 -6.42 6.62 -38.07
C VAL A 81 -5.08 6.37 -38.75
N THR A 82 -4.00 6.46 -37.99
CA THR A 82 -2.67 6.22 -38.56
C THR A 82 -1.92 5.07 -37.89
N CYS A 83 -2.31 4.71 -36.67
CA CYS A 83 -1.62 3.64 -35.95
C CYS A 83 -1.78 2.22 -36.50
N VAL A 84 -2.89 1.94 -37.19
CA VAL A 84 -3.10 0.61 -37.76
C VAL A 84 -3.75 0.70 -39.13
N LYS A 85 -3.66 -0.40 -39.87
CA LYS A 85 -4.23 -0.48 -41.21
C LYS A 85 -4.91 -1.83 -41.35
N PRO A 86 -5.81 -1.96 -42.32
CA PRO A 86 -6.51 -3.23 -42.54
C PRO A 86 -5.53 -4.39 -42.65
N GLY A 87 -5.82 -5.50 -42.00
CA GLY A 87 -4.92 -6.64 -42.07
C GLY A 87 -4.02 -6.82 -40.87
N ASP A 88 -3.79 -5.75 -40.12
CA ASP A 88 -2.95 -5.82 -38.94
C ASP A 88 -3.60 -6.67 -37.85
N LYS A 89 -2.81 -7.48 -37.15
CA LYS A 89 -3.34 -8.30 -36.08
C LYS A 89 -3.29 -7.41 -34.85
N VAL A 90 -4.34 -7.43 -34.03
CA VAL A 90 -4.37 -6.55 -32.87
C VAL A 90 -5.04 -7.15 -31.65
N ILE A 91 -4.90 -6.46 -30.53
CA ILE A 91 -5.53 -6.85 -29.29
C ILE A 91 -6.22 -5.60 -28.76
N PRO A 92 -7.54 -5.65 -28.54
CA PRO A 92 -8.29 -4.49 -28.02
C PRO A 92 -7.83 -4.21 -26.61
N LEU A 93 -7.87 -2.95 -26.20
CA LEU A 93 -7.44 -2.53 -24.87
C LEU A 93 -8.58 -1.95 -24.03
N PHE A 94 -8.95 -2.60 -22.94
CA PHE A 94 -10.03 -2.09 -22.12
C PHE A 94 -9.53 -0.90 -21.30
N VAL A 95 -8.22 -0.75 -21.25
CA VAL A 95 -7.60 0.39 -20.59
C VAL A 95 -6.87 1.04 -21.78
N PRO A 96 -7.41 2.15 -22.30
CA PRO A 96 -6.76 2.80 -23.44
C PRO A 96 -5.46 3.53 -23.11
N GLN A 97 -4.85 4.13 -24.11
CA GLN A 97 -3.63 4.90 -23.93
C GLN A 97 -3.71 6.10 -24.88
N CYS A 98 -4.23 7.20 -24.37
CA CYS A 98 -4.41 8.43 -25.16
C CYS A 98 -3.10 9.17 -25.34
N GLY A 99 -2.14 8.92 -24.45
CA GLY A 99 -0.85 9.57 -24.55
C GLY A 99 -0.78 11.01 -24.06
N SER A 100 -1.91 11.64 -23.76
CA SER A 100 -1.91 13.04 -23.34
C SER A 100 -2.28 13.36 -21.88
N CYS A 101 -3.04 12.49 -21.23
CA CYS A 101 -3.44 12.75 -19.86
C CYS A 101 -2.31 12.51 -18.84
N ARG A 102 -2.57 12.92 -17.60
CA ARG A 102 -1.62 12.77 -16.50
C ARG A 102 -1.08 11.34 -16.36
N ALA A 103 -1.96 10.35 -16.30
CA ALA A 103 -1.51 8.98 -16.17
C ALA A 103 -0.65 8.52 -17.35
N CYS A 104 -1.02 8.94 -18.57
CA CYS A 104 -0.25 8.55 -19.74
C CYS A 104 1.13 9.22 -19.79
N LYS A 105 1.24 10.41 -19.21
CA LYS A 105 2.52 11.12 -19.18
C LYS A 105 3.42 10.64 -18.04
N SER A 106 2.88 9.80 -17.17
CA SER A 106 3.67 9.29 -16.06
C SER A 106 3.96 7.81 -16.25
N SER A 107 5.18 7.40 -15.94
CA SER A 107 5.55 6.01 -16.08
C SER A 107 5.08 5.19 -14.89
N ASN A 108 4.66 5.87 -13.81
CA ASN A 108 4.18 5.15 -12.63
C ASN A 108 2.67 4.91 -12.66
N SER A 109 2.05 5.07 -13.83
CA SER A 109 0.61 4.85 -13.94
C SER A 109 0.17 4.47 -15.36
N ASN A 110 -0.82 3.58 -15.45
CA ASN A 110 -1.34 3.14 -16.73
C ASN A 110 -2.84 3.44 -16.81
N PHE A 111 -3.39 4.05 -15.77
CA PHE A 111 -4.81 4.35 -15.73
C PHE A 111 -5.25 5.56 -16.53
N CYS A 112 -5.19 5.43 -17.86
CA CYS A 112 -5.56 6.49 -18.78
C CYS A 112 -6.92 7.08 -18.41
N GLU A 113 -6.97 8.40 -18.28
CA GLU A 113 -8.21 9.06 -17.91
C GLU A 113 -9.35 8.93 -18.93
N LYS A 114 -9.07 8.39 -20.10
CA LYS A 114 -10.12 8.22 -21.08
C LYS A 114 -10.76 6.85 -20.97
N ASN A 115 -10.51 6.16 -19.86
CA ASN A 115 -11.10 4.84 -19.64
C ASN A 115 -12.59 5.03 -19.31
N ASP A 116 -13.40 4.01 -19.58
CA ASP A 116 -14.83 4.09 -19.32
C ASP A 116 -15.24 3.31 -18.06
N MET A 117 -14.27 3.05 -17.20
CA MET A 117 -14.55 2.31 -15.97
C MET A 117 -15.23 3.16 -14.90
N GLY A 118 -15.08 4.47 -15.01
CA GLY A 118 -15.71 5.36 -14.05
C GLY A 118 -17.03 5.92 -14.56
N ALA A 119 -17.05 6.37 -15.81
CA ALA A 119 -18.27 6.92 -16.39
C ALA A 119 -19.27 5.83 -16.77
N LYS A 120 -18.76 4.69 -17.22
CA LYS A 120 -19.61 3.57 -17.61
C LYS A 120 -20.69 3.92 -18.63
N THR A 121 -20.35 4.75 -19.61
CA THR A 121 -21.30 5.17 -20.63
C THR A 121 -21.73 4.00 -21.52
N GLY A 122 -20.83 3.05 -21.74
CA GLY A 122 -21.14 1.91 -22.59
C GLY A 122 -21.32 2.36 -24.02
N LEU A 123 -20.79 3.54 -24.35
CA LEU A 123 -20.91 4.09 -25.69
C LEU A 123 -19.58 4.59 -26.23
N MET A 124 -19.56 4.93 -27.52
CA MET A 124 -18.35 5.44 -28.14
C MET A 124 -18.15 6.89 -27.71
N ALA A 125 -17.06 7.50 -28.16
CA ALA A 125 -16.74 8.88 -27.81
C ALA A 125 -17.85 9.89 -28.09
N ASP A 126 -18.61 9.68 -29.15
CA ASP A 126 -19.68 10.59 -29.53
C ASP A 126 -21.03 10.25 -28.89
N MET A 127 -21.00 9.33 -27.91
CA MET A 127 -22.20 8.93 -27.20
C MET A 127 -23.24 8.17 -28.02
N THR A 128 -22.80 7.49 -29.07
CA THR A 128 -23.68 6.69 -29.89
C THR A 128 -23.09 5.29 -29.88
N SER A 129 -23.87 4.31 -30.31
CA SER A 129 -23.40 2.93 -30.35
C SER A 129 -23.23 2.46 -31.80
N ARG A 130 -22.34 1.49 -32.02
CA ARG A 130 -22.12 0.95 -33.37
C ARG A 130 -22.82 -0.40 -33.46
N PHE A 131 -23.41 -0.82 -32.35
CA PHE A 131 -24.11 -2.11 -32.29
C PHE A 131 -25.63 -1.96 -32.33
N THR A 132 -26.29 -2.76 -33.17
CA THR A 132 -27.74 -2.74 -33.28
C THR A 132 -28.29 -4.18 -33.29
N CYS A 133 -29.32 -4.43 -32.50
CA CYS A 133 -29.90 -5.77 -32.44
C CYS A 133 -31.39 -5.69 -32.12
N ARG A 134 -32.21 -6.42 -32.87
CA ARG A 134 -33.66 -6.40 -32.67
C ARG A 134 -34.14 -4.94 -32.63
N GLY A 135 -33.52 -4.10 -33.45
CA GLY A 135 -33.90 -2.71 -33.52
C GLY A 135 -33.38 -1.81 -32.42
N LYS A 136 -32.66 -2.36 -31.45
CA LYS A 136 -32.16 -1.54 -30.34
C LYS A 136 -30.66 -1.29 -30.33
N PRO A 137 -30.24 -0.11 -29.84
CA PRO A 137 -28.82 0.24 -29.75
C PRO A 137 -28.28 -0.62 -28.61
N ILE A 138 -27.14 -1.27 -28.82
CA ILE A 138 -26.56 -2.14 -27.80
C ILE A 138 -25.32 -1.47 -27.21
N TYR A 139 -25.19 -1.49 -25.89
CA TYR A 139 -24.04 -0.89 -25.22
C TYR A 139 -22.78 -1.75 -25.32
N ASN A 140 -21.62 -1.14 -25.16
CA ASN A 140 -20.38 -1.90 -25.21
C ASN A 140 -19.77 -1.97 -23.81
N LEU A 141 -18.69 -2.74 -23.69
CA LEU A 141 -18.01 -2.93 -22.40
C LEU A 141 -16.59 -2.36 -22.44
N MET A 142 -16.33 -1.37 -21.60
CA MET A 142 -15.02 -0.71 -21.50
C MET A 142 -14.36 -0.40 -22.84
N GLY A 143 -15.18 0.11 -23.77
CA GLY A 143 -14.68 0.47 -25.08
C GLY A 143 -14.29 -0.68 -25.98
N THR A 144 -14.53 -1.91 -25.53
CA THR A 144 -14.17 -3.06 -26.33
C THR A 144 -15.33 -3.91 -26.79
N SER A 145 -15.70 -4.93 -26.01
CA SER A 145 -16.77 -5.87 -26.36
C SER A 145 -16.22 -6.88 -27.36
N THR A 146 -16.01 -8.12 -26.90
CA THR A 146 -15.46 -9.13 -27.79
C THR A 146 -16.32 -10.35 -28.02
N PHE A 147 -17.50 -10.37 -27.40
CA PHE A 147 -18.43 -11.48 -27.58
C PHE A 147 -19.23 -11.21 -28.85
N THR A 148 -18.50 -10.90 -29.90
CA THR A 148 -19.11 -10.58 -31.18
C THR A 148 -18.07 -10.82 -32.28
N GLU A 149 -18.53 -11.23 -33.45
CA GLU A 149 -17.64 -11.49 -34.59
C GLU A 149 -16.92 -10.24 -35.04
N TYR A 150 -17.57 -9.09 -34.90
CA TYR A 150 -16.99 -7.81 -35.26
C TYR A 150 -17.26 -6.77 -34.18
N THR A 151 -16.27 -5.93 -33.92
CA THR A 151 -16.41 -4.88 -32.93
C THR A 151 -15.74 -3.57 -33.39
N VAL A 152 -16.04 -2.47 -32.72
CA VAL A 152 -15.45 -1.18 -33.07
C VAL A 152 -14.88 -0.56 -31.81
N VAL A 153 -13.61 -0.14 -31.86
CA VAL A 153 -12.97 0.48 -30.71
C VAL A 153 -12.28 1.77 -31.11
N ALA A 154 -11.93 2.60 -30.13
CA ALA A 154 -11.25 3.86 -30.39
C ALA A 154 -9.83 3.53 -30.82
N ASP A 155 -9.21 4.37 -31.64
CA ASP A 155 -7.85 4.07 -32.09
C ASP A 155 -6.80 4.17 -30.97
N ILE A 156 -7.20 4.66 -29.81
CA ILE A 156 -6.28 4.76 -28.69
C ILE A 156 -6.44 3.51 -27.81
N ALA A 157 -7.31 2.59 -28.23
CA ALA A 157 -7.57 1.36 -27.49
C ALA A 157 -7.21 0.10 -28.27
N VAL A 158 -6.18 0.18 -29.10
CA VAL A 158 -5.80 -0.96 -29.89
C VAL A 158 -4.28 -1.12 -29.90
N ALA A 159 -3.82 -2.37 -29.78
CA ALA A 159 -2.39 -2.68 -29.77
C ALA A 159 -2.05 -3.63 -30.92
N LYS A 160 -1.25 -3.14 -31.85
CA LYS A 160 -0.82 -3.94 -32.98
C LYS A 160 0.19 -4.95 -32.46
N ILE A 161 0.11 -6.17 -32.97
CA ILE A 161 1.03 -7.21 -32.54
C ILE A 161 1.55 -8.00 -33.72
N ASP A 162 2.45 -8.94 -33.43
CA ASP A 162 3.05 -9.78 -34.45
C ASP A 162 1.98 -10.44 -35.31
N PRO A 163 2.11 -10.32 -36.65
CA PRO A 163 1.16 -10.89 -37.60
C PRO A 163 0.91 -12.39 -37.41
N LYS A 164 1.93 -13.12 -36.92
CA LYS A 164 1.77 -14.56 -36.73
C LYS A 164 1.46 -14.94 -35.29
N ALA A 165 0.88 -14.02 -34.53
CA ALA A 165 0.55 -14.31 -33.13
C ALA A 165 -0.56 -15.36 -33.03
N PRO A 166 -0.34 -16.40 -32.19
CA PRO A 166 -1.31 -17.49 -31.97
C PRO A 166 -2.64 -16.99 -31.42
N LEU A 167 -3.71 -17.74 -31.68
CA LEU A 167 -5.04 -17.37 -31.18
C LEU A 167 -5.09 -17.24 -29.65
N GLU A 168 -4.28 -18.03 -28.96
CA GLU A 168 -4.25 -17.99 -27.50
C GLU A 168 -3.66 -16.67 -26.97
N SER A 169 -3.20 -15.83 -27.87
CA SER A 169 -2.63 -14.54 -27.48
C SER A 169 -3.71 -13.64 -26.85
N CYS A 170 -4.97 -13.99 -27.08
CA CYS A 170 -6.07 -13.20 -26.55
C CYS A 170 -6.05 -13.03 -25.02
N LEU A 171 -5.43 -13.97 -24.31
CA LEU A 171 -5.35 -13.88 -22.84
C LEU A 171 -4.52 -12.70 -22.37
N ILE A 172 -3.63 -12.23 -23.24
CA ILE A 172 -2.78 -11.08 -22.88
C ILE A 172 -3.68 -9.84 -22.84
N GLY A 173 -4.84 -9.94 -23.48
CA GLY A 173 -5.79 -8.85 -23.51
C GLY A 173 -6.31 -8.52 -22.13
N CYS A 174 -6.24 -9.48 -21.22
CA CYS A 174 -6.70 -9.22 -19.87
C CYS A 174 -6.15 -10.15 -18.79
N GLY A 175 -6.70 -11.36 -18.72
CA GLY A 175 -6.29 -12.34 -17.74
C GLY A 175 -4.80 -12.47 -17.49
N PHE A 176 -4.05 -12.83 -18.53
CA PHE A 176 -2.61 -13.00 -18.38
C PHE A 176 -1.91 -11.70 -17.97
N ALA A 177 -2.09 -10.64 -18.75
CA ALA A 177 -1.46 -9.37 -18.44
C ALA A 177 -1.72 -8.94 -16.99
N THR A 178 -2.95 -9.13 -16.55
CA THR A 178 -3.33 -8.75 -15.18
C THR A 178 -2.57 -9.50 -14.10
N GLY A 179 -2.55 -10.82 -14.18
CA GLY A 179 -1.87 -11.62 -13.18
C GLY A 179 -0.36 -11.50 -13.23
N TYR A 180 0.19 -11.70 -14.43
CA TYR A 180 1.62 -11.61 -14.64
C TYR A 180 2.08 -10.21 -14.18
N GLY A 181 1.37 -9.19 -14.64
CA GLY A 181 1.71 -7.82 -14.27
C GLY A 181 1.59 -7.53 -12.79
N ALA A 182 0.56 -8.07 -12.15
CA ALA A 182 0.35 -7.88 -10.73
C ALA A 182 1.60 -8.30 -9.95
N ALA A 183 2.29 -9.31 -10.47
CA ALA A 183 3.49 -9.83 -9.83
C ALA A 183 4.74 -9.03 -10.19
N VAL A 184 4.94 -8.83 -11.49
CA VAL A 184 6.09 -8.12 -12.03
C VAL A 184 6.10 -6.59 -11.93
N ASN A 185 4.95 -5.95 -12.08
CA ASN A 185 4.87 -4.49 -12.04
C ASN A 185 4.28 -3.91 -10.76
N THR A 186 3.22 -4.53 -10.25
CA THR A 186 2.56 -4.01 -9.06
C THR A 186 3.26 -4.43 -7.78
N ALA A 187 3.31 -5.73 -7.52
CA ALA A 187 3.99 -6.21 -6.32
C ALA A 187 5.48 -5.95 -6.47
N LYS A 188 5.98 -6.08 -7.69
CA LYS A 188 7.40 -5.90 -7.96
C LYS A 188 8.18 -6.99 -7.22
N VAL A 189 7.80 -8.25 -7.47
CA VAL A 189 8.45 -9.41 -6.84
C VAL A 189 9.94 -9.44 -7.12
N THR A 190 10.73 -9.66 -6.07
CA THR A 190 12.18 -9.72 -6.17
C THR A 190 12.70 -11.15 -6.10
N PRO A 191 13.86 -11.42 -6.71
CA PRO A 191 14.47 -12.74 -6.72
C PRO A 191 14.72 -13.30 -5.34
N GLY A 192 14.34 -14.56 -5.13
CA GLY A 192 14.55 -15.22 -3.86
C GLY A 192 13.48 -15.01 -2.81
N SER A 193 12.46 -14.21 -3.12
CA SER A 193 11.39 -13.93 -2.16
C SER A 193 10.35 -15.05 -2.10
N THR A 194 9.45 -14.95 -1.13
CA THR A 194 8.38 -15.94 -0.97
C THR A 194 7.05 -15.25 -1.32
N CYS A 195 6.28 -15.89 -2.20
CA CYS A 195 5.00 -15.32 -2.64
C CYS A 195 3.79 -16.20 -2.35
N ALA A 196 2.63 -15.56 -2.22
CA ALA A 196 1.37 -16.26 -1.98
C ALA A 196 0.32 -15.74 -2.94
N VAL A 197 -0.31 -16.64 -3.68
CA VAL A 197 -1.36 -16.28 -4.62
C VAL A 197 -2.69 -16.88 -4.19
N PHE A 198 -3.66 -16.01 -3.89
CA PHE A 198 -5.00 -16.43 -3.45
C PHE A 198 -6.00 -16.36 -4.61
N GLY A 199 -6.55 -17.51 -4.98
CA GLY A 199 -7.50 -17.58 -6.07
C GLY A 199 -6.77 -18.16 -7.28
N LEU A 200 -7.10 -19.39 -7.65
CA LEU A 200 -6.44 -20.05 -8.76
C LEU A 200 -7.24 -20.10 -10.06
N GLY A 201 -7.56 -18.92 -10.59
CA GLY A 201 -8.29 -18.84 -11.84
C GLY A 201 -7.35 -18.34 -12.93
N GLY A 202 -7.91 -17.71 -13.96
CA GLY A 202 -7.08 -17.19 -15.03
C GLY A 202 -6.03 -16.22 -14.50
N VAL A 203 -6.45 -15.28 -13.66
CA VAL A 203 -5.53 -14.29 -13.11
C VAL A 203 -4.57 -14.92 -12.10
N GLY A 204 -5.10 -15.78 -11.23
CA GLY A 204 -4.25 -16.44 -10.25
C GLY A 204 -3.08 -17.19 -10.89
N PHE A 205 -3.37 -18.03 -11.88
CA PHE A 205 -2.29 -18.79 -12.55
C PHE A 205 -1.25 -17.87 -13.18
N SER A 206 -1.71 -16.80 -13.82
CA SER A 206 -0.81 -15.84 -14.44
C SER A 206 0.10 -15.19 -13.39
N ALA A 207 -0.43 -14.98 -12.20
CA ALA A 207 0.35 -14.40 -11.12
C ALA A 207 1.47 -15.35 -10.72
N ILE A 208 1.16 -16.65 -10.71
CA ILE A 208 2.15 -17.67 -10.37
C ILE A 208 3.25 -17.59 -11.41
N VAL A 209 2.86 -17.61 -12.68
CA VAL A 209 3.82 -17.53 -13.78
C VAL A 209 4.66 -16.27 -13.58
N GLY A 210 4.03 -15.22 -13.07
CA GLY A 210 4.72 -13.97 -12.83
C GLY A 210 5.75 -14.03 -11.73
N CYS A 211 5.38 -14.59 -10.59
CA CYS A 211 6.32 -14.71 -9.48
C CYS A 211 7.52 -15.55 -9.91
N LYS A 212 7.24 -16.60 -10.69
CA LYS A 212 8.29 -17.50 -11.18
C LYS A 212 9.26 -16.71 -12.05
N ALA A 213 8.72 -15.94 -12.99
CA ALA A 213 9.54 -15.15 -13.90
C ALA A 213 10.33 -14.07 -13.14
N ALA A 214 9.80 -13.65 -12.00
CA ALA A 214 10.44 -12.61 -11.20
C ALA A 214 11.56 -13.19 -10.34
N GLY A 215 11.66 -14.52 -10.31
CA GLY A 215 12.71 -15.16 -9.54
C GLY A 215 12.40 -15.55 -8.10
N ALA A 216 11.12 -15.69 -7.76
CA ALA A 216 10.75 -16.07 -6.40
C ALA A 216 11.24 -17.49 -6.08
N SER A 217 11.69 -17.71 -4.85
CA SER A 217 12.17 -19.02 -4.45
C SER A 217 11.01 -19.92 -3.99
N ARG A 218 9.98 -19.31 -3.41
CA ARG A 218 8.79 -20.04 -2.96
C ARG A 218 7.52 -19.34 -3.45
N ILE A 219 6.62 -20.12 -4.04
CA ILE A 219 5.36 -19.59 -4.55
C ILE A 219 4.23 -20.48 -4.07
N ILE A 220 3.46 -19.97 -3.11
CA ILE A 220 2.35 -20.73 -2.54
C ILE A 220 1.00 -20.43 -3.20
N GLY A 221 0.35 -21.47 -3.71
CA GLY A 221 -0.95 -21.32 -4.33
C GLY A 221 -2.02 -21.60 -3.30
N VAL A 222 -3.04 -20.75 -3.21
CA VAL A 222 -4.10 -20.93 -2.23
C VAL A 222 -5.49 -20.91 -2.86
N GLY A 223 -6.23 -22.00 -2.68
CA GLY A 223 -7.57 -22.10 -3.23
C GLY A 223 -8.29 -23.33 -2.68
N THR A 224 -9.62 -23.34 -2.74
CA THR A 224 -10.40 -24.47 -2.23
C THR A 224 -10.76 -25.52 -3.28
N HIS A 225 -10.05 -25.53 -4.40
CA HIS A 225 -10.29 -26.51 -5.46
C HIS A 225 -8.98 -27.22 -5.72
N LYS A 226 -8.73 -28.29 -4.97
CA LYS A 226 -7.49 -29.05 -5.09
C LYS A 226 -7.22 -29.66 -6.47
N ASP A 227 -8.25 -29.79 -7.29
CA ASP A 227 -8.07 -30.37 -8.61
C ASP A 227 -7.15 -29.51 -9.50
N LYS A 228 -6.95 -28.25 -9.11
CA LYS A 228 -6.11 -27.33 -9.87
C LYS A 228 -4.64 -27.30 -9.41
N PHE A 229 -4.40 -27.74 -8.18
CA PHE A 229 -3.03 -27.72 -7.63
C PHE A 229 -1.98 -28.32 -8.56
N PRO A 230 -2.28 -29.48 -9.16
CA PRO A 230 -1.28 -30.06 -10.08
C PRO A 230 -0.84 -29.08 -11.16
N LYS A 231 -1.80 -28.40 -11.77
CA LYS A 231 -1.50 -27.42 -12.82
C LYS A 231 -0.70 -26.26 -12.24
N ALA A 232 -1.11 -25.80 -11.06
CA ALA A 232 -0.42 -24.71 -10.38
C ALA A 232 1.07 -25.03 -10.23
N ILE A 233 1.36 -26.24 -9.75
CA ILE A 233 2.74 -26.68 -9.55
C ILE A 233 3.46 -26.71 -10.90
N GLU A 234 2.81 -27.25 -11.92
CA GLU A 234 3.40 -27.34 -13.25
C GLU A 234 3.81 -25.97 -13.78
N LEU A 235 3.01 -24.95 -13.46
CA LEU A 235 3.30 -23.60 -13.93
C LEU A 235 4.22 -22.75 -13.05
N GLY A 236 4.55 -23.22 -11.86
CA GLY A 236 5.45 -22.46 -11.00
C GLY A 236 5.27 -22.53 -9.50
N ALA A 237 4.06 -22.83 -9.04
CA ALA A 237 3.85 -22.90 -7.61
C ALA A 237 4.75 -23.97 -7.02
N THR A 238 5.31 -23.69 -5.84
CA THR A 238 6.18 -24.64 -5.17
C THR A 238 5.32 -25.52 -4.26
N GLU A 239 4.09 -25.07 -4.01
CA GLU A 239 3.15 -25.81 -3.17
C GLU A 239 1.78 -25.13 -3.17
N CYS A 240 0.76 -25.87 -2.75
CA CYS A 240 -0.60 -25.35 -2.69
C CYS A 240 -1.28 -25.70 -1.37
N LEU A 241 -2.16 -24.80 -0.93
CA LEU A 241 -2.88 -24.98 0.32
C LEU A 241 -4.38 -24.80 0.16
N ASN A 242 -5.13 -25.65 0.85
CA ASN A 242 -6.57 -25.59 0.82
C ASN A 242 -7.00 -25.22 2.23
N PRO A 243 -7.52 -23.99 2.41
CA PRO A 243 -7.97 -23.49 3.71
C PRO A 243 -8.88 -24.47 4.45
N LYS A 244 -9.61 -25.28 3.70
CA LYS A 244 -10.52 -26.24 4.30
C LYS A 244 -9.84 -27.46 4.90
N ASP A 245 -8.52 -27.49 4.86
CA ASP A 245 -7.77 -28.61 5.45
C ASP A 245 -7.17 -28.18 6.78
N TYR A 246 -7.63 -27.04 7.29
CA TYR A 246 -7.12 -26.51 8.56
C TYR A 246 -8.21 -25.87 9.40
N ASP A 247 -8.03 -25.89 10.72
CA ASP A 247 -9.00 -25.29 11.64
C ASP A 247 -8.63 -23.85 11.94
N LYS A 248 -7.33 -23.56 11.93
CA LYS A 248 -6.85 -22.20 12.19
C LYS A 248 -6.87 -21.41 10.88
N PRO A 249 -6.96 -20.07 10.97
CA PRO A 249 -6.99 -19.21 9.79
C PRO A 249 -5.83 -19.50 8.84
N ILE A 250 -6.09 -19.38 7.54
CA ILE A 250 -5.09 -19.65 6.52
C ILE A 250 -3.84 -18.78 6.70
N TYR A 251 -4.02 -17.53 7.13
CA TYR A 251 -2.87 -16.65 7.31
C TYR A 251 -1.93 -17.13 8.40
N GLU A 252 -2.48 -17.81 9.41
CA GLU A 252 -1.65 -18.36 10.49
C GLU A 252 -0.86 -19.56 9.98
N VAL A 253 -1.49 -20.37 9.13
CA VAL A 253 -0.82 -21.54 8.57
C VAL A 253 0.33 -21.10 7.68
N ILE A 254 0.10 -20.03 6.93
CA ILE A 254 1.11 -19.49 6.02
C ILE A 254 2.27 -18.82 6.76
N CYS A 255 1.96 -18.03 7.79
CA CYS A 255 3.02 -17.37 8.55
C CYS A 255 3.83 -18.43 9.28
N GLU A 256 3.12 -19.43 9.80
CA GLU A 256 3.73 -20.53 10.53
C GLU A 256 4.66 -21.33 9.62
N LYS A 257 4.41 -21.27 8.31
CA LYS A 257 5.21 -22.00 7.32
C LYS A 257 6.28 -21.19 6.59
N THR A 258 6.27 -19.87 6.76
CA THR A 258 7.24 -19.00 6.08
C THR A 258 7.96 -18.09 7.06
N ASN A 259 7.98 -18.50 8.33
CA ASN A 259 8.61 -17.76 9.42
C ASN A 259 8.26 -16.27 9.43
N GLY A 260 6.98 -15.98 9.66
CA GLY A 260 6.53 -14.60 9.72
C GLY A 260 5.52 -14.20 8.67
N GLY A 261 5.60 -14.82 7.50
CA GLY A 261 4.68 -14.50 6.43
C GLY A 261 5.43 -14.32 5.12
N VAL A 262 4.70 -14.33 4.00
CA VAL A 262 5.34 -14.17 2.69
C VAL A 262 5.73 -12.72 2.43
N ASP A 263 6.65 -12.52 1.49
CA ASP A 263 7.07 -11.15 1.14
C ASP A 263 5.99 -10.50 0.27
N TYR A 264 5.36 -11.30 -0.59
CA TYR A 264 4.32 -10.80 -1.49
C TYR A 264 3.07 -11.68 -1.57
N ALA A 265 1.91 -11.04 -1.50
CA ALA A 265 0.63 -11.73 -1.59
C ALA A 265 -0.21 -11.08 -2.67
N VAL A 266 -0.87 -11.90 -3.47
CA VAL A 266 -1.72 -11.41 -4.54
C VAL A 266 -3.09 -12.04 -4.36
N GLU A 267 -4.12 -11.21 -4.32
CA GLU A 267 -5.49 -11.69 -4.15
C GLU A 267 -6.16 -11.63 -5.53
N CYS A 268 -6.66 -12.77 -6.00
CA CYS A 268 -7.29 -12.85 -7.31
C CYS A 268 -8.70 -13.38 -7.24
N ALA A 269 -9.52 -12.84 -6.35
CA ALA A 269 -10.89 -13.32 -6.22
C ALA A 269 -11.90 -12.20 -6.02
N GLY A 270 -11.47 -11.11 -5.40
CA GLY A 270 -12.37 -10.00 -5.17
C GLY A 270 -13.18 -10.12 -3.88
N ARG A 271 -12.96 -11.19 -3.13
CA ARG A 271 -13.69 -11.37 -1.87
C ARG A 271 -12.97 -10.65 -0.73
N ILE A 272 -13.74 -9.90 0.07
CA ILE A 272 -13.19 -9.18 1.20
C ILE A 272 -12.49 -10.16 2.12
N GLU A 273 -13.18 -11.27 2.40
CA GLU A 273 -12.66 -12.32 3.26
C GLU A 273 -11.25 -12.72 2.86
N THR A 274 -11.07 -13.08 1.60
CA THR A 274 -9.78 -13.48 1.11
C THR A 274 -8.76 -12.35 1.04
N MET A 275 -9.23 -11.12 0.87
CA MET A 275 -8.32 -9.98 0.83
C MET A 275 -7.67 -9.79 2.20
N MET A 276 -8.46 -9.92 3.26
CA MET A 276 -7.94 -9.77 4.62
C MET A 276 -6.97 -10.90 4.92
N ASN A 277 -7.30 -12.11 4.46
CA ASN A 277 -6.43 -13.26 4.69
C ASN A 277 -5.08 -13.03 4.01
N ALA A 278 -5.11 -12.51 2.78
CA ALA A 278 -3.89 -12.25 2.04
C ALA A 278 -3.00 -11.23 2.74
N LEU A 279 -3.61 -10.13 3.19
CA LEU A 279 -2.86 -9.10 3.89
C LEU A 279 -2.16 -9.66 5.11
N GLN A 280 -2.86 -10.48 5.88
CA GLN A 280 -2.28 -11.06 7.10
C GLN A 280 -1.31 -12.22 6.87
N SER A 281 -1.24 -12.70 5.64
CA SER A 281 -0.32 -13.79 5.30
C SER A 281 1.07 -13.25 4.96
N THR A 282 1.19 -11.93 4.85
CA THR A 282 2.47 -11.32 4.53
C THR A 282 3.22 -10.94 5.80
N TYR A 283 4.55 -10.92 5.71
CA TYR A 283 5.40 -10.55 6.85
C TYR A 283 5.04 -9.13 7.29
N CYS A 284 4.84 -8.95 8.59
CA CYS A 284 4.45 -7.65 9.12
C CYS A 284 5.49 -6.53 8.95
N GLY A 285 6.76 -6.91 8.83
CA GLY A 285 7.79 -5.91 8.69
C GLY A 285 7.91 -5.25 7.33
N SER A 286 7.44 -5.92 6.27
CA SER A 286 7.56 -5.37 4.93
C SER A 286 6.72 -6.09 3.87
N GLY A 287 5.72 -6.85 4.28
CA GLY A 287 4.91 -7.56 3.30
C GLY A 287 4.15 -6.66 2.35
N VAL A 288 4.06 -7.07 1.09
CA VAL A 288 3.33 -6.31 0.08
C VAL A 288 2.13 -7.11 -0.43
N THR A 289 0.94 -6.56 -0.28
CA THR A 289 -0.28 -7.23 -0.75
C THR A 289 -0.90 -6.47 -1.92
N VAL A 290 -1.22 -7.19 -2.98
CA VAL A 290 -1.83 -6.61 -4.17
C VAL A 290 -3.25 -7.16 -4.39
N VAL A 291 -4.24 -6.27 -4.46
CA VAL A 291 -5.63 -6.65 -4.69
C VAL A 291 -5.95 -6.37 -6.16
N LEU A 292 -6.61 -7.31 -6.81
CA LEU A 292 -6.93 -7.20 -8.23
C LEU A 292 -8.41 -7.36 -8.54
N GLY A 293 -9.17 -7.87 -7.57
CA GLY A 293 -10.58 -8.10 -7.80
C GLY A 293 -11.52 -7.15 -7.11
N LEU A 294 -12.72 -7.04 -7.67
CA LEU A 294 -13.76 -6.17 -7.13
C LEU A 294 -14.80 -6.99 -6.37
N ALA A 295 -15.14 -6.54 -5.17
CA ALA A 295 -16.16 -7.19 -4.36
C ALA A 295 -17.48 -6.54 -4.78
N SER A 296 -18.59 -6.94 -4.16
CA SER A 296 -19.88 -6.33 -4.51
C SER A 296 -19.76 -4.81 -4.46
N PRO A 297 -20.47 -4.11 -5.36
CA PRO A 297 -20.49 -2.64 -5.48
C PRO A 297 -20.21 -1.80 -4.23
N ASN A 298 -20.76 -2.19 -3.08
CA ASN A 298 -20.51 -1.41 -1.87
C ASN A 298 -20.00 -2.18 -0.66
N GLU A 299 -19.13 -3.15 -0.89
CA GLU A 299 -18.56 -3.91 0.22
C GLU A 299 -17.34 -3.12 0.68
N ARG A 300 -17.01 -3.24 1.96
CA ARG A 300 -15.86 -2.54 2.51
C ARG A 300 -14.94 -3.52 3.24
N LEU A 301 -13.65 -3.20 3.22
CA LEU A 301 -12.65 -4.03 3.86
C LEU A 301 -12.41 -3.44 5.27
N PRO A 302 -12.76 -4.20 6.33
CA PRO A 302 -12.59 -3.72 7.71
C PRO A 302 -11.11 -3.74 8.10
N LEU A 303 -10.35 -2.81 7.55
CA LEU A 303 -8.91 -2.75 7.79
C LEU A 303 -8.51 -2.12 9.12
N ASP A 304 -7.73 -2.84 9.90
CA ASP A 304 -7.23 -2.31 11.16
C ASP A 304 -5.87 -1.67 10.85
N PRO A 305 -5.74 -0.35 11.10
CA PRO A 305 -4.49 0.37 10.84
C PRO A 305 -3.22 -0.34 11.32
N LEU A 306 -3.31 -0.96 12.49
CA LEU A 306 -2.17 -1.67 13.07
C LEU A 306 -1.51 -2.64 12.10
N LEU A 307 -2.30 -3.28 11.24
CA LEU A 307 -1.75 -4.23 10.29
C LEU A 307 -0.75 -3.63 9.30
N LEU A 308 -0.82 -2.32 9.10
CA LEU A 308 0.08 -1.64 8.17
C LEU A 308 1.22 -0.91 8.86
N LEU A 309 0.97 -0.43 10.07
CA LEU A 309 1.96 0.34 10.82
C LEU A 309 3.34 -0.26 10.99
N THR A 310 3.44 -1.58 10.98
CA THR A 310 4.73 -2.23 11.16
C THR A 310 5.58 -2.29 9.89
N GLY A 311 4.99 -1.98 8.73
CA GLY A 311 5.75 -2.00 7.50
C GLY A 311 5.10 -2.64 6.29
N ARG A 312 3.81 -2.94 6.37
CA ARG A 312 3.12 -3.55 5.25
C ARG A 312 2.57 -2.52 4.26
N SER A 313 2.35 -2.96 3.03
CA SER A 313 1.80 -2.12 1.97
C SER A 313 0.62 -2.85 1.37
N LEU A 314 -0.39 -2.09 0.99
CA LEU A 314 -1.59 -2.62 0.35
C LEU A 314 -1.74 -1.82 -0.96
N LYS A 315 -1.64 -2.51 -2.10
CA LYS A 315 -1.72 -1.86 -3.41
C LYS A 315 -2.74 -2.51 -4.34
N GLY A 316 -3.13 -1.77 -5.37
CA GLY A 316 -4.08 -2.27 -6.35
C GLY A 316 -3.66 -1.81 -7.73
N SER A 317 -4.19 -2.45 -8.77
CA SER A 317 -3.88 -2.07 -10.14
C SER A 317 -4.86 -2.69 -11.12
N VAL A 318 -4.83 -2.20 -12.35
CA VAL A 318 -5.68 -2.71 -13.41
C VAL A 318 -4.74 -3.12 -14.54
N PHE A 319 -5.14 -4.14 -15.30
CA PHE A 319 -4.35 -4.62 -16.43
C PHE A 319 -2.89 -4.91 -16.03
N GLY A 320 -2.71 -5.27 -14.76
CA GLY A 320 -1.38 -5.62 -14.25
C GLY A 320 -0.35 -4.51 -14.34
N GLY A 321 -0.84 -3.26 -14.40
CA GLY A 321 0.07 -2.13 -14.48
C GLY A 321 0.69 -1.89 -15.84
N PHE A 322 0.35 -2.72 -16.83
CA PHE A 322 0.93 -2.60 -18.18
C PHE A 322 0.29 -1.49 -19.00
N LYS A 323 1.07 -0.88 -19.89
CA LYS A 323 0.57 0.15 -20.80
C LYS A 323 0.27 -0.57 -22.10
N GLY A 324 -0.64 -0.02 -22.89
CA GLY A 324 -0.98 -0.64 -24.16
C GLY A 324 0.23 -0.81 -25.06
N GLU A 325 1.19 0.10 -24.93
CA GLU A 325 2.41 0.05 -25.73
C GLU A 325 3.33 -1.12 -25.35
N GLU A 326 3.06 -1.77 -24.23
CA GLU A 326 3.90 -2.89 -23.81
C GLU A 326 3.29 -4.25 -24.15
N VAL A 327 2.06 -4.23 -24.67
CA VAL A 327 1.37 -5.45 -25.02
C VAL A 327 2.09 -6.24 -26.12
N SER A 328 2.60 -5.54 -27.12
CA SER A 328 3.30 -6.22 -28.20
C SER A 328 4.53 -6.99 -27.69
N ARG A 329 5.24 -6.42 -26.73
CA ARG A 329 6.41 -7.09 -26.19
C ARG A 329 6.05 -8.39 -25.47
N LEU A 330 4.91 -8.38 -24.78
CA LEU A 330 4.46 -9.57 -24.08
C LEU A 330 4.18 -10.67 -25.09
N VAL A 331 3.57 -10.30 -26.22
CA VAL A 331 3.26 -11.26 -27.26
C VAL A 331 4.54 -11.83 -27.86
N ASP A 332 5.57 -10.99 -27.99
CA ASP A 332 6.84 -11.44 -28.53
C ASP A 332 7.47 -12.48 -27.61
N ASP A 333 7.49 -12.19 -26.30
CA ASP A 333 8.06 -13.12 -25.33
C ASP A 333 7.31 -14.44 -25.34
N TYR A 334 6.01 -14.38 -25.62
CA TYR A 334 5.20 -15.59 -25.67
C TYR A 334 5.58 -16.45 -26.86
N MET A 335 5.81 -15.81 -28.01
CA MET A 335 6.19 -16.52 -29.22
C MET A 335 7.63 -17.04 -29.15
N LYS A 336 8.43 -16.45 -28.27
CA LYS A 336 9.82 -16.89 -28.09
C LYS A 336 9.84 -17.97 -27.03
N LYS A 337 8.66 -18.27 -26.49
CA LYS A 337 8.48 -19.29 -25.46
C LYS A 337 8.99 -18.90 -24.06
N LYS A 338 9.15 -17.59 -23.82
CA LYS A 338 9.59 -17.13 -22.51
C LYS A 338 8.43 -17.27 -21.53
N ILE A 339 7.22 -17.15 -22.06
CA ILE A 339 5.99 -17.29 -21.30
C ILE A 339 5.05 -18.16 -22.13
N ASN A 340 4.54 -19.23 -21.54
CA ASN A 340 3.64 -20.13 -22.24
C ASN A 340 2.19 -19.85 -21.91
N VAL A 341 1.66 -18.76 -22.48
CA VAL A 341 0.28 -18.36 -22.24
C VAL A 341 -0.71 -19.47 -22.56
N ASN A 342 -0.46 -20.19 -23.64
CA ASN A 342 -1.34 -21.27 -24.06
C ASN A 342 -1.57 -22.35 -23.00
N PHE A 343 -0.65 -22.47 -22.05
CA PHE A 343 -0.80 -23.48 -21.00
C PHE A 343 -2.00 -23.19 -20.08
N LEU A 344 -2.47 -21.94 -20.07
CA LEU A 344 -3.60 -21.58 -19.22
C LEU A 344 -4.94 -21.88 -19.88
N VAL A 345 -4.91 -22.19 -21.17
CA VAL A 345 -6.12 -22.50 -21.93
C VAL A 345 -6.52 -23.95 -21.72
N SER A 346 -7.60 -24.17 -20.99
CA SER A 346 -8.06 -25.52 -20.71
C SER A 346 -9.34 -25.93 -21.45
N THR A 347 -9.92 -25.00 -22.20
CA THR A 347 -11.14 -25.27 -22.96
C THR A 347 -11.26 -24.33 -24.14
N LYS A 348 -11.62 -24.89 -25.30
CA LYS A 348 -11.83 -24.12 -26.52
C LYS A 348 -13.26 -24.36 -26.95
N LEU A 349 -13.99 -23.28 -27.21
CA LEU A 349 -15.38 -23.41 -27.62
C LEU A 349 -15.62 -22.54 -28.84
N THR A 350 -16.88 -22.49 -29.26
CA THR A 350 -17.29 -21.65 -30.37
C THR A 350 -18.23 -20.64 -29.71
N LEU A 351 -18.57 -19.58 -30.43
CA LEU A 351 -19.44 -18.55 -29.87
C LEU A 351 -20.77 -19.08 -29.33
N ASP A 352 -21.35 -20.06 -30.01
CA ASP A 352 -22.62 -20.64 -29.58
C ASP A 352 -22.60 -21.30 -28.21
N GLN A 353 -21.43 -21.77 -27.79
CA GLN A 353 -21.28 -22.43 -26.51
C GLN A 353 -20.82 -21.49 -25.39
N ILE A 354 -20.84 -20.18 -25.67
CA ILE A 354 -20.38 -19.20 -24.69
C ILE A 354 -20.92 -19.40 -23.27
N ASN A 355 -22.18 -19.79 -23.13
CA ASN A 355 -22.73 -20.00 -21.78
C ASN A 355 -22.07 -21.12 -21.01
N LYS A 356 -21.48 -22.09 -21.71
CA LYS A 356 -20.79 -23.20 -21.05
C LYS A 356 -19.56 -22.68 -20.31
N ALA A 357 -18.88 -21.69 -20.89
CA ALA A 357 -17.69 -21.10 -20.28
C ALA A 357 -18.06 -20.41 -18.97
N PHE A 358 -19.22 -19.78 -18.95
CA PHE A 358 -19.65 -19.11 -17.72
C PHE A 358 -19.96 -20.18 -16.69
N GLU A 359 -20.46 -21.33 -17.15
CA GLU A 359 -20.79 -22.43 -16.25
C GLU A 359 -19.51 -22.94 -15.57
N LEU A 360 -18.46 -23.09 -16.35
CA LEU A 360 -17.17 -23.57 -15.84
C LEU A 360 -16.60 -22.65 -14.78
N LEU A 361 -16.71 -21.34 -14.99
CA LEU A 361 -16.21 -20.37 -14.01
C LEU A 361 -17.09 -20.39 -12.78
N SER A 362 -18.40 -20.34 -13.00
CA SER A 362 -19.37 -20.34 -11.91
C SER A 362 -19.12 -21.47 -10.92
N SER A 363 -18.49 -22.54 -11.41
CA SER A 363 -18.19 -23.69 -10.56
C SER A 363 -16.69 -23.91 -10.41
N GLY A 364 -15.89 -22.94 -10.86
CA GLY A 364 -14.45 -23.03 -10.76
C GLY A 364 -13.90 -24.37 -11.20
N GLN A 365 -14.20 -24.77 -12.43
CA GLN A 365 -13.75 -26.04 -12.98
C GLN A 365 -12.27 -26.04 -13.36
N GLY A 366 -11.92 -25.30 -14.42
CA GLY A 366 -10.55 -25.24 -14.87
C GLY A 366 -9.93 -23.86 -14.78
N VAL A 367 -9.11 -23.52 -15.76
CA VAL A 367 -8.45 -22.21 -15.75
C VAL A 367 -9.17 -21.19 -16.65
N ARG A 368 -8.87 -21.21 -17.94
CA ARG A 368 -9.52 -20.27 -18.86
C ARG A 368 -10.05 -20.95 -20.11
N SER A 369 -11.20 -20.48 -20.57
CA SER A 369 -11.82 -20.99 -21.78
C SER A 369 -11.69 -19.89 -22.84
N ILE A 370 -11.53 -20.28 -24.10
CA ILE A 370 -11.47 -19.29 -25.16
C ILE A 370 -12.36 -19.77 -26.28
N MET A 371 -12.87 -18.83 -27.07
CA MET A 371 -13.71 -19.19 -28.18
C MET A 371 -12.97 -18.84 -29.44
N ILE A 372 -13.08 -19.69 -30.45
CA ILE A 372 -12.43 -19.45 -31.74
C ILE A 372 -13.59 -19.12 -32.67
N TYR A 373 -13.54 -17.95 -33.30
CA TYR A 373 -14.61 -17.55 -34.20
C TYR A 373 -14.34 -18.05 -35.61
N CYS B 2 31.66 7.84 42.20
CA CYS B 2 31.07 7.23 40.98
C CYS B 2 29.77 6.49 41.34
N THR B 3 28.94 6.22 40.34
CA THR B 3 27.68 5.52 40.61
C THR B 3 27.63 4.14 39.95
N ALA B 4 28.72 3.76 39.29
CA ALA B 4 28.77 2.46 38.63
C ALA B 4 28.53 1.32 39.61
N GLY B 5 27.68 0.38 39.22
CA GLY B 5 27.37 -0.76 40.05
C GLY B 5 26.54 -0.43 41.28
N LYS B 6 26.01 0.79 41.31
CA LYS B 6 25.19 1.22 42.44
C LYS B 6 23.81 1.68 42.03
N ASP B 7 22.84 1.51 42.94
CA ASP B 7 21.48 1.95 42.67
C ASP B 7 21.52 3.47 42.69
N ILE B 8 20.73 4.09 41.83
CA ILE B 8 20.69 5.55 41.77
C ILE B 8 19.29 6.01 42.12
N THR B 9 19.19 7.03 42.96
CA THR B 9 17.89 7.58 43.30
C THR B 9 17.83 8.89 42.53
N CYS B 10 16.77 9.08 41.76
CA CYS B 10 16.62 10.29 40.96
C CYS B 10 15.14 10.63 40.83
N LYS B 11 14.86 11.66 40.04
CA LYS B 11 13.49 12.11 39.82
C LYS B 11 12.93 11.50 38.53
N ALA B 12 11.62 11.29 38.49
CA ALA B 12 10.98 10.73 37.32
C ALA B 12 9.48 11.01 37.34
N ALA B 13 8.88 11.06 36.16
CA ALA B 13 7.44 11.30 36.04
C ALA B 13 6.77 9.94 35.85
N VAL B 14 6.09 9.48 36.90
CA VAL B 14 5.42 8.20 36.86
C VAL B 14 3.93 8.31 36.53
N ALA B 15 3.43 7.34 35.78
CA ALA B 15 2.02 7.31 35.44
C ALA B 15 1.46 6.12 36.22
N TRP B 16 0.90 6.41 37.41
CA TRP B 16 0.32 5.39 38.26
C TRP B 16 -0.94 4.80 37.69
N GLU B 17 -1.62 5.58 36.86
CA GLU B 17 -2.86 5.15 36.24
C GLU B 17 -3.18 6.04 35.05
N PRO B 18 -4.01 5.55 34.12
CA PRO B 18 -4.41 6.29 32.93
C PRO B 18 -5.27 7.51 33.25
N HIS B 19 -5.47 8.35 32.26
CA HIS B 19 -6.32 9.53 32.38
C HIS B 19 -5.98 10.46 33.54
N LYS B 20 -4.84 10.26 34.17
CA LYS B 20 -4.45 11.12 35.28
C LYS B 20 -3.14 11.85 35.00
N PRO B 21 -2.98 13.05 35.57
CA PRO B 21 -1.74 13.78 35.33
C PRO B 21 -0.57 12.95 35.82
N LEU B 22 0.60 13.09 35.18
CA LEU B 22 1.77 12.32 35.59
C LEU B 22 2.23 12.80 36.94
N SER B 23 2.58 11.85 37.80
CA SER B 23 3.04 12.17 39.14
C SER B 23 4.56 12.17 39.26
N LEU B 24 5.12 13.27 39.76
CA LEU B 24 6.57 13.36 39.93
C LEU B 24 6.94 12.61 41.20
N GLU B 25 7.86 11.66 41.07
CA GLU B 25 8.29 10.85 42.20
C GLU B 25 9.81 10.73 42.28
N THR B 26 10.30 10.29 43.43
CA THR B 26 11.72 10.04 43.58
C THR B 26 11.76 8.52 43.37
N ILE B 27 12.63 8.06 42.48
CA ILE B 27 12.71 6.63 42.22
C ILE B 27 14.12 6.08 42.33
N THR B 28 14.19 4.75 42.29
CA THR B 28 15.48 4.08 42.35
C THR B 28 15.69 3.37 41.01
N VAL B 29 16.86 3.58 40.43
CA VAL B 29 17.21 2.95 39.17
C VAL B 29 18.35 2.00 39.48
N ALA B 30 18.11 0.71 39.28
CA ALA B 30 19.12 -0.31 39.55
C ALA B 30 20.23 -0.29 38.51
N PRO B 31 21.38 -0.88 38.83
CA PRO B 31 22.53 -0.95 37.92
C PRO B 31 22.18 -1.82 36.70
N PRO B 32 22.86 -1.61 35.57
CA PRO B 32 22.56 -2.41 34.38
C PRO B 32 23.07 -3.85 34.48
N LYS B 33 22.24 -4.79 34.02
CA LYS B 33 22.62 -6.20 34.02
C LYS B 33 23.32 -6.54 32.70
N ALA B 34 23.54 -7.83 32.44
CA ALA B 34 24.21 -8.25 31.22
C ALA B 34 23.54 -7.67 29.97
N HIS B 35 24.35 -7.06 29.11
CA HIS B 35 23.88 -6.47 27.85
C HIS B 35 22.87 -5.36 28.04
N GLU B 36 23.05 -4.57 29.10
CA GLU B 36 22.18 -3.45 29.40
C GLU B 36 23.08 -2.23 29.58
N VAL B 37 22.51 -1.04 29.38
CA VAL B 37 23.27 0.19 29.53
C VAL B 37 22.43 1.19 30.31
N ARG B 38 23.03 1.83 31.32
CA ARG B 38 22.30 2.83 32.09
C ARG B 38 22.69 4.18 31.52
N ILE B 39 21.67 4.99 31.26
CA ILE B 39 21.87 6.30 30.64
C ILE B 39 21.36 7.47 31.45
N LYS B 40 22.15 8.53 31.49
CA LYS B 40 21.76 9.75 32.17
C LYS B 40 21.08 10.58 31.07
N ILE B 41 19.79 10.84 31.20
CA ILE B 41 19.06 11.61 30.20
C ILE B 41 19.40 13.10 30.30
N LEU B 42 19.77 13.69 29.18
CA LEU B 42 20.12 15.11 29.13
C LEU B 42 18.89 15.90 28.69
N ALA B 43 18.16 15.33 27.75
CA ALA B 43 16.96 15.98 27.25
C ALA B 43 15.99 14.93 26.73
N SER B 44 14.70 15.20 26.93
CA SER B 44 13.66 14.30 26.47
C SER B 44 12.52 15.09 25.84
N GLY B 45 11.92 14.52 24.81
CA GLY B 45 10.81 15.18 24.15
C GLY B 45 9.49 14.56 24.56
N ILE B 46 8.40 15.25 24.31
CA ILE B 46 7.08 14.74 24.66
C ILE B 46 6.34 14.43 23.36
N CYS B 47 6.07 13.15 23.13
CA CYS B 47 5.39 12.73 21.91
C CYS B 47 3.90 12.48 22.08
N GLY B 48 3.17 12.57 20.98
CA GLY B 48 1.74 12.31 21.00
C GLY B 48 1.48 10.89 21.48
N SER B 49 2.38 9.98 21.12
CA SER B 49 2.28 8.59 21.53
C SER B 49 2.23 8.46 23.05
N ASP B 50 3.01 9.28 23.75
CA ASP B 50 3.03 9.26 25.21
C ASP B 50 1.64 9.61 25.71
N SER B 51 1.06 10.63 25.09
CA SER B 51 -0.28 11.08 25.43
C SER B 51 -1.28 9.96 25.16
N SER B 52 -1.09 9.22 24.07
CA SER B 52 -2.01 8.14 23.74
C SER B 52 -2.01 6.98 24.74
N VAL B 53 -0.88 6.77 25.42
CA VAL B 53 -0.81 5.72 26.42
C VAL B 53 -1.61 6.18 27.64
N LEU B 54 -1.44 7.44 28.01
CA LEU B 54 -2.19 7.97 29.16
C LEU B 54 -3.69 7.93 28.90
N LYS B 55 -4.09 8.06 27.64
CA LYS B 55 -5.50 8.04 27.29
C LYS B 55 -6.00 6.62 27.00
N GLU B 56 -5.10 5.65 27.11
CA GLU B 56 -5.41 4.25 26.85
C GLU B 56 -5.72 3.95 25.38
N ILE B 57 -5.26 4.83 24.49
CA ILE B 57 -5.46 4.63 23.06
C ILE B 57 -4.48 3.54 22.66
N ILE B 58 -3.30 3.58 23.29
CA ILE B 58 -2.26 2.58 23.06
C ILE B 58 -2.15 1.77 24.34
N PRO B 59 -2.33 0.45 24.25
CA PRO B 59 -2.24 -0.45 25.42
C PRO B 59 -0.91 -0.40 26.17
N SER B 60 -0.98 -0.49 27.49
CA SER B 60 0.21 -0.47 28.34
C SER B 60 -0.14 -0.86 29.77
N LYS B 61 0.83 -1.44 30.48
CA LYS B 61 0.62 -1.81 31.88
C LYS B 61 0.91 -0.57 32.70
N PHE B 62 0.39 -0.54 33.93
CA PHE B 62 0.63 0.57 34.84
C PHE B 62 0.99 -0.02 36.19
N PRO B 63 1.79 0.70 37.00
CA PRO B 63 2.36 2.04 36.76
C PRO B 63 3.48 1.96 35.70
N VAL B 64 3.73 3.07 35.01
CA VAL B 64 4.73 3.09 33.95
C VAL B 64 5.39 4.45 33.78
N ILE B 65 6.66 4.45 33.41
CA ILE B 65 7.37 5.70 33.16
C ILE B 65 7.39 5.80 31.64
N LEU B 66 6.78 6.86 31.11
CA LEU B 66 6.69 7.04 29.66
C LEU B 66 7.91 7.73 29.05
N GLY B 67 7.75 8.20 27.83
CA GLY B 67 8.82 8.88 27.12
C GLY B 67 9.71 7.92 26.33
N HIS B 68 10.01 8.28 25.09
CA HIS B 68 10.87 7.44 24.25
C HIS B 68 11.52 8.32 23.19
N GLU B 69 11.73 9.58 23.53
CA GLU B 69 12.32 10.57 22.64
C GLU B 69 13.38 11.29 23.47
N ALA B 70 14.63 10.88 23.35
CA ALA B 70 15.64 11.54 24.15
C ALA B 70 17.08 11.38 23.71
N VAL B 71 17.94 12.16 24.35
CA VAL B 71 19.37 12.11 24.09
C VAL B 71 20.00 12.08 25.48
N GLY B 72 21.10 11.34 25.62
CA GLY B 72 21.76 11.27 26.90
C GLY B 72 23.19 10.78 26.81
N VAL B 73 23.80 10.54 27.95
CA VAL B 73 25.17 10.04 28.01
C VAL B 73 25.22 8.77 28.84
N VAL B 74 26.00 7.79 28.39
CA VAL B 74 26.12 6.53 29.10
C VAL B 74 26.78 6.71 30.46
N GLU B 75 26.08 6.28 31.51
CA GLU B 75 26.60 6.38 32.87
C GLU B 75 27.44 5.14 33.19
N SER B 76 26.98 3.96 32.75
CA SER B 76 27.70 2.71 32.96
C SER B 76 27.12 1.60 32.08
N ILE B 77 27.89 0.55 31.86
CA ILE B 77 27.45 -0.55 31.03
C ILE B 77 27.53 -1.86 31.80
N GLY B 78 26.68 -2.82 31.40
CA GLY B 78 26.67 -4.11 32.07
C GLY B 78 27.58 -5.10 31.38
N ALA B 79 27.68 -6.30 31.93
CA ALA B 79 28.53 -7.33 31.36
C ALA B 79 28.25 -7.60 29.89
N GLY B 80 29.30 -7.80 29.11
CA GLY B 80 29.14 -8.10 27.69
C GLY B 80 28.98 -6.94 26.73
N VAL B 81 28.58 -5.77 27.21
CA VAL B 81 28.38 -4.62 26.33
C VAL B 81 29.69 -4.15 25.71
N THR B 82 29.68 -3.92 24.41
CA THR B 82 30.86 -3.43 23.70
C THR B 82 30.52 -2.32 22.73
N CYS B 83 29.24 -2.17 22.39
CA CYS B 83 28.83 -1.15 21.44
C CYS B 83 28.98 0.30 21.91
N VAL B 84 29.02 0.50 23.22
CA VAL B 84 29.20 1.84 23.77
C VAL B 84 30.02 1.77 25.05
N LYS B 85 30.46 2.93 25.53
CA LYS B 85 31.26 3.03 26.75
C LYS B 85 30.77 4.22 27.55
N PRO B 86 31.10 4.26 28.85
CA PRO B 86 30.67 5.39 29.68
C PRO B 86 31.19 6.69 29.07
N GLY B 87 30.33 7.70 29.00
CA GLY B 87 30.73 8.97 28.43
C GLY B 87 30.22 9.20 27.02
N ASP B 88 29.83 8.13 26.33
CA ASP B 88 29.31 8.26 24.96
C ASP B 88 27.92 8.89 24.93
N LYS B 89 27.68 9.79 24.00
CA LYS B 89 26.36 10.41 23.88
C LYS B 89 25.51 9.44 23.06
N VAL B 90 24.29 9.18 23.51
CA VAL B 90 23.44 8.25 22.80
C VAL B 90 21.98 8.66 22.74
N ILE B 91 21.24 7.98 21.86
CA ILE B 91 19.83 8.18 21.70
C ILE B 91 19.21 6.78 21.90
N PRO B 92 18.26 6.65 22.84
CA PRO B 92 17.62 5.35 23.08
C PRO B 92 16.73 5.00 21.89
N LEU B 93 16.65 3.72 21.54
CA LEU B 93 15.86 3.29 20.40
C LEU B 93 14.61 2.47 20.79
N PHE B 94 13.42 3.01 20.60
CA PHE B 94 12.21 2.28 20.95
C PHE B 94 11.97 1.15 19.95
N VAL B 95 12.73 1.18 18.86
CA VAL B 95 12.72 0.14 17.85
C VAL B 95 14.17 -0.33 17.87
N PRO B 96 14.44 -1.46 18.53
CA PRO B 96 15.81 -1.96 18.62
C PRO B 96 16.35 -2.54 17.33
N GLN B 97 17.63 -2.90 17.34
CA GLN B 97 18.26 -3.51 16.17
C GLN B 97 19.15 -4.63 16.66
N CYS B 98 18.61 -5.85 16.75
CA CYS B 98 19.39 -7.00 17.21
C CYS B 98 20.43 -7.42 16.18
N GLY B 99 20.12 -7.22 14.91
CA GLY B 99 21.06 -7.57 13.85
C GLY B 99 21.02 -9.00 13.33
N SER B 100 20.14 -9.83 13.88
CA SER B 100 20.07 -11.22 13.44
C SER B 100 18.68 -11.74 13.06
N CYS B 101 17.63 -10.96 13.29
CA CYS B 101 16.29 -11.42 12.93
C CYS B 101 16.01 -11.14 11.45
N ARG B 102 14.90 -11.64 10.96
CA ARG B 102 14.52 -11.47 9.56
C ARG B 102 14.46 -9.99 9.18
N ALA B 103 13.83 -9.19 10.02
CA ALA B 103 13.71 -7.76 9.76
C ALA B 103 15.08 -7.08 9.75
N CYS B 104 15.95 -7.46 10.68
CA CYS B 104 17.28 -6.87 10.75
C CYS B 104 18.19 -7.27 9.60
N LYS B 105 18.02 -8.50 9.11
CA LYS B 105 18.82 -8.99 8.00
C LYS B 105 18.35 -8.33 6.71
N SER B 106 17.06 -8.00 6.67
CA SER B 106 16.45 -7.38 5.51
C SER B 106 16.84 -5.92 5.34
N SER B 107 16.88 -5.46 4.09
CA SER B 107 17.23 -4.07 3.80
C SER B 107 15.98 -3.21 3.61
N ASN B 108 14.81 -3.83 3.59
CA ASN B 108 13.58 -3.09 3.40
C ASN B 108 12.66 -3.11 4.64
N SER B 109 13.23 -3.40 5.81
CA SER B 109 12.45 -3.42 7.03
C SER B 109 13.31 -3.03 8.23
N ASN B 110 12.67 -2.39 9.22
CA ASN B 110 13.38 -1.96 10.42
C ASN B 110 12.67 -2.50 11.67
N PHE B 111 11.59 -3.24 11.46
CA PHE B 111 10.81 -3.76 12.56
C PHE B 111 11.44 -4.99 13.25
N CYS B 112 12.57 -4.75 13.92
CA CYS B 112 13.29 -5.81 14.62
C CYS B 112 12.32 -6.59 15.52
N GLU B 113 12.36 -7.90 15.40
CA GLU B 113 11.50 -8.77 16.19
C GLU B 113 11.71 -8.72 17.70
N LYS B 114 12.70 -7.97 18.16
CA LYS B 114 12.91 -7.85 19.59
C LYS B 114 12.28 -6.59 20.17
N ASN B 115 11.33 -5.99 19.44
CA ASN B 115 10.64 -4.80 19.92
C ASN B 115 9.59 -5.26 20.94
N ASP B 116 9.16 -4.36 21.83
CA ASP B 116 8.18 -4.71 22.85
C ASP B 116 6.80 -4.14 22.51
N MET B 117 6.66 -3.63 21.28
CA MET B 117 5.40 -3.04 20.86
C MET B 117 4.31 -4.09 20.74
N GLY B 118 4.72 -5.34 20.51
CA GLY B 118 3.76 -6.41 20.39
C GLY B 118 3.41 -7.05 21.73
N ALA B 119 4.41 -7.56 22.43
CA ALA B 119 4.20 -8.22 23.72
C ALA B 119 3.79 -7.25 24.84
N LYS B 120 4.36 -6.05 24.82
CA LYS B 120 4.06 -5.03 25.83
C LYS B 120 4.33 -5.50 27.26
N THR B 121 5.46 -6.17 27.47
CA THR B 121 5.82 -6.67 28.79
C THR B 121 6.14 -5.53 29.74
N GLY B 122 6.71 -4.44 29.20
CA GLY B 122 7.07 -3.30 30.03
C GLY B 122 8.20 -3.66 30.99
N LEU B 123 8.91 -4.73 30.68
CA LEU B 123 10.00 -5.21 31.50
C LEU B 123 11.24 -5.48 30.66
N MET B 124 12.39 -5.64 31.32
CA MET B 124 13.61 -5.92 30.61
C MET B 124 13.51 -7.33 30.04
N ALA B 125 14.53 -7.75 29.32
CA ALA B 125 14.54 -9.08 28.71
C ALA B 125 14.32 -10.20 29.73
N ASP B 126 14.92 -10.07 30.91
CA ASP B 126 14.79 -11.11 31.92
C ASP B 126 13.49 -11.00 32.73
N MET B 127 12.54 -10.24 32.21
CA MET B 127 11.24 -10.04 32.85
C MET B 127 11.25 -9.41 34.24
N THR B 128 12.25 -8.59 34.53
CA THR B 128 12.30 -7.89 35.82
C THR B 128 12.38 -6.40 35.49
N SER B 129 12.15 -5.54 36.48
CA SER B 129 12.21 -4.10 36.27
C SER B 129 13.45 -3.49 36.93
N ARG B 130 13.95 -2.40 36.35
CA ARG B 130 15.12 -1.70 36.89
C ARG B 130 14.62 -0.49 37.69
N PHE B 131 13.34 -0.16 37.50
CA PHE B 131 12.72 0.97 38.18
C PHE B 131 11.94 0.57 39.43
N THR B 132 12.17 1.29 40.53
CA THR B 132 11.48 1.03 41.79
C THR B 132 11.02 2.35 42.40
N CYS B 133 9.77 2.40 42.86
CA CYS B 133 9.24 3.60 43.49
C CYS B 133 8.28 3.21 44.61
N ARG B 134 8.58 3.65 45.82
CA ARG B 134 7.74 3.33 46.96
C ARG B 134 7.58 1.82 47.08
N GLY B 135 8.69 1.10 46.99
CA GLY B 135 8.67 -0.35 47.09
C GLY B 135 7.99 -1.07 45.94
N LYS B 136 7.57 -0.34 44.92
CA LYS B 136 6.89 -0.95 43.79
C LYS B 136 7.68 -0.93 42.47
N PRO B 137 7.68 -2.06 41.75
CA PRO B 137 8.39 -2.15 40.47
C PRO B 137 7.62 -1.28 39.49
N ILE B 138 8.32 -0.51 38.66
CA ILE B 138 7.67 0.35 37.69
C ILE B 138 7.97 -0.14 36.28
N TYR B 139 6.93 -0.23 35.45
CA TYR B 139 7.12 -0.70 34.09
C TYR B 139 7.75 0.36 33.18
N ASN B 140 8.51 -0.09 32.18
CA ASN B 140 9.13 0.85 31.25
C ASN B 140 8.28 0.92 29.98
N LEU B 141 8.65 1.82 29.08
CA LEU B 141 7.91 1.97 27.82
C LEU B 141 8.78 1.58 26.62
N MET B 142 8.33 0.57 25.89
CA MET B 142 9.05 0.08 24.71
C MET B 142 10.55 -0.05 24.96
N GLY B 143 10.90 -0.57 26.14
CA GLY B 143 12.29 -0.76 26.48
C GLY B 143 13.09 0.50 26.67
N THR B 144 12.41 1.66 26.73
CA THR B 144 13.13 2.92 26.91
C THR B 144 12.76 3.69 28.17
N SER B 145 11.71 4.49 28.09
CA SER B 145 11.29 5.32 29.22
C SER B 145 12.30 6.46 29.37
N THR B 146 11.88 7.67 29.03
CA THR B 146 12.77 8.82 29.09
C THR B 146 12.32 9.93 30.05
N PHE B 147 11.14 9.78 30.64
CA PHE B 147 10.63 10.77 31.59
C PHE B 147 11.24 10.47 32.97
N THR B 148 12.56 10.34 32.98
CA THR B 148 13.31 10.04 34.18
C THR B 148 14.76 10.46 33.97
N GLU B 149 15.40 10.90 35.04
CA GLU B 149 16.78 11.34 34.96
C GLU B 149 17.76 10.24 34.56
N TYR B 150 17.42 9.00 34.86
CA TYR B 150 18.24 7.86 34.49
C TYR B 150 17.36 6.72 34.03
N THR B 151 17.83 5.99 33.02
CA THR B 151 17.08 4.86 32.51
C THR B 151 18.03 3.75 32.11
N VAL B 152 17.48 2.56 31.92
CA VAL B 152 18.28 1.40 31.53
C VAL B 152 17.64 0.78 30.29
N VAL B 153 18.45 0.55 29.26
CA VAL B 153 17.94 -0.06 28.04
C VAL B 153 18.88 -1.18 27.60
N ALA B 154 18.35 -2.08 26.79
CA ALA B 154 19.13 -3.20 26.24
C ALA B 154 20.21 -2.61 25.34
N ASP B 155 21.37 -3.28 25.26
CA ASP B 155 22.42 -2.73 24.43
C ASP B 155 22.11 -2.72 22.91
N ILE B 156 21.05 -3.39 22.50
CA ILE B 156 20.65 -3.39 21.09
C ILE B 156 19.68 -2.23 20.81
N ALA B 157 19.43 -1.40 21.82
CA ALA B 157 18.52 -0.27 21.66
C ALA B 157 19.18 1.07 21.95
N VAL B 158 20.47 1.17 21.67
CA VAL B 158 21.20 2.41 21.88
C VAL B 158 21.90 2.81 20.58
N ALA B 159 21.85 4.09 20.26
CA ALA B 159 22.53 4.58 19.06
C ALA B 159 23.53 5.63 19.50
N LYS B 160 24.80 5.36 19.27
CA LYS B 160 25.87 6.28 19.62
C LYS B 160 25.90 7.39 18.57
N ILE B 161 26.04 8.63 19.05
CA ILE B 161 26.07 9.77 18.13
C ILE B 161 27.20 10.72 18.47
N ASP B 162 27.31 11.78 17.66
CA ASP B 162 28.33 12.80 17.84
C ASP B 162 28.34 13.34 19.26
N PRO B 163 29.51 13.29 19.92
CA PRO B 163 29.67 13.78 21.30
C PRO B 163 29.16 15.21 21.48
N LYS B 164 29.25 16.02 20.43
CA LYS B 164 28.80 17.40 20.50
C LYS B 164 27.37 17.66 20.04
N ALA B 165 26.65 16.61 19.65
CA ALA B 165 25.27 16.79 19.20
C ALA B 165 24.48 17.62 20.21
N PRO B 166 23.64 18.55 19.71
CA PRO B 166 22.80 19.45 20.52
C PRO B 166 21.69 18.68 21.23
N LEU B 167 21.19 19.23 22.34
CA LEU B 167 20.13 18.59 23.10
C LEU B 167 18.81 18.45 22.32
N GLU B 168 18.58 19.34 21.36
CA GLU B 168 17.35 19.27 20.56
C GLU B 168 17.40 18.04 19.68
N SER B 169 18.56 17.38 19.66
CA SER B 169 18.77 16.18 18.87
C SER B 169 17.85 15.05 19.36
N CYS B 170 17.24 15.24 20.53
CA CYS B 170 16.37 14.22 21.09
C CYS B 170 15.13 13.92 20.22
N LEU B 171 14.75 14.87 19.37
CA LEU B 171 13.60 14.68 18.50
C LEU B 171 13.86 13.61 17.46
N ILE B 172 15.13 13.39 17.15
CA ILE B 172 15.50 12.37 16.17
C ILE B 172 15.19 11.00 16.74
N GLY B 173 14.98 10.94 18.05
CA GLY B 173 14.66 9.69 18.71
C GLY B 173 13.26 9.20 18.39
N CYS B 174 12.45 10.04 17.77
CA CYS B 174 11.10 9.62 17.41
C CYS B 174 10.36 10.52 16.42
N GLY B 175 9.82 11.62 16.92
CA GLY B 175 9.07 12.56 16.10
C GLY B 175 9.66 12.95 14.76
N PHE B 176 10.91 13.38 14.76
CA PHE B 176 11.53 13.79 13.51
C PHE B 176 11.88 12.63 12.61
N ALA B 177 12.48 11.57 13.16
CA ALA B 177 12.83 10.42 12.33
C ALA B 177 11.57 9.83 11.71
N THR B 178 10.49 9.83 12.49
CA THR B 178 9.22 9.28 12.03
C THR B 178 8.60 10.07 10.85
N GLY B 179 8.42 11.38 11.03
CA GLY B 179 7.84 12.18 9.97
C GLY B 179 8.77 12.31 8.78
N TYR B 180 10.02 12.67 9.05
CA TYR B 180 11.02 12.83 8.01
C TYR B 180 11.20 11.52 7.24
N GLY B 181 11.26 10.41 7.96
CA GLY B 181 11.44 9.11 7.34
C GLY B 181 10.21 8.65 6.57
N ALA B 182 9.04 9.05 7.06
CA ALA B 182 7.79 8.68 6.40
C ALA B 182 7.78 9.21 4.97
N ALA B 183 8.30 10.42 4.78
CA ALA B 183 8.33 11.01 3.45
C ALA B 183 9.49 10.49 2.59
N VAL B 184 10.66 10.40 3.20
CA VAL B 184 11.86 9.96 2.50
C VAL B 184 12.04 8.44 2.31
N ASN B 185 11.60 7.64 3.28
CA ASN B 185 11.76 6.19 3.16
C ASN B 185 10.49 5.43 2.78
N THR B 186 9.41 5.70 3.50
CA THR B 186 8.15 5.00 3.27
C THR B 186 7.43 5.44 2.00
N ALA B 187 7.08 6.72 1.93
CA ALA B 187 6.41 7.23 0.76
C ALA B 187 7.41 7.32 -0.40
N LYS B 188 8.64 7.67 -0.06
CA LYS B 188 9.70 7.82 -1.06
C LYS B 188 9.34 8.98 -1.99
N VAL B 189 9.15 10.16 -1.41
CA VAL B 189 8.80 11.34 -2.20
C VAL B 189 9.85 11.59 -3.28
N THR B 190 9.35 11.90 -4.46
CA THR B 190 10.17 12.15 -5.65
C THR B 190 10.30 13.64 -6.00
N PRO B 191 11.42 14.03 -6.62
CA PRO B 191 11.62 15.44 -6.99
C PRO B 191 10.53 15.92 -7.95
N GLY B 192 9.97 17.10 -7.66
CA GLY B 192 8.92 17.68 -8.48
C GLY B 192 7.53 17.16 -8.19
N SER B 193 7.40 16.23 -7.26
CA SER B 193 6.10 15.64 -6.93
C SER B 193 5.24 16.56 -6.07
N THR B 194 3.97 16.22 -5.91
CA THR B 194 3.09 17.01 -5.06
C THR B 194 2.75 16.20 -3.83
N CYS B 195 2.79 16.83 -2.65
CA CYS B 195 2.52 16.12 -1.40
C CYS B 195 1.51 16.81 -0.49
N ALA B 196 0.87 16.01 0.36
CA ALA B 196 -0.08 16.54 1.31
C ALA B 196 0.21 15.90 2.66
N VAL B 197 0.33 16.71 3.70
CA VAL B 197 0.58 16.19 5.03
C VAL B 197 -0.59 16.54 5.93
N PHE B 198 -1.24 15.51 6.47
CA PHE B 198 -2.39 15.68 7.36
C PHE B 198 -1.98 15.56 8.83
N GLY B 199 -2.17 16.65 9.58
CA GLY B 199 -1.81 16.65 11.00
C GLY B 199 -0.52 17.42 11.19
N LEU B 200 -0.61 18.60 11.79
CA LEU B 200 0.57 19.43 11.98
C LEU B 200 1.15 19.45 13.37
N GLY B 201 1.61 18.28 13.83
CA GLY B 201 2.24 18.19 15.13
C GLY B 201 3.72 18.00 14.87
N GLY B 202 4.43 17.41 15.82
CA GLY B 202 5.86 17.18 15.62
C GLY B 202 6.14 16.30 14.40
N VAL B 203 5.37 15.24 14.27
CA VAL B 203 5.52 14.31 13.15
C VAL B 203 5.19 14.97 11.81
N GLY B 204 4.06 15.68 11.76
CA GLY B 204 3.64 16.35 10.55
C GLY B 204 4.65 17.37 10.03
N PHE B 205 5.19 18.19 10.94
CA PHE B 205 6.18 19.18 10.54
C PHE B 205 7.44 18.48 10.05
N SER B 206 7.79 17.35 10.68
CA SER B 206 8.95 16.59 10.27
C SER B 206 8.74 16.01 8.87
N ALA B 207 7.50 15.63 8.57
CA ALA B 207 7.18 15.07 7.26
C ALA B 207 7.24 16.18 6.20
N ILE B 208 6.88 17.39 6.59
CA ILE B 208 6.92 18.51 5.67
C ILE B 208 8.38 18.79 5.33
N VAL B 209 9.24 18.73 6.37
CA VAL B 209 10.66 18.96 6.18
C VAL B 209 11.24 17.86 5.30
N GLY B 210 10.67 16.67 5.42
CA GLY B 210 11.13 15.54 4.62
C GLY B 210 10.73 15.65 3.16
N CYS B 211 9.49 16.07 2.91
CA CYS B 211 9.01 16.23 1.53
C CYS B 211 9.84 17.29 0.83
N LYS B 212 10.19 18.35 1.57
CA LYS B 212 10.98 19.42 1.01
C LYS B 212 12.39 18.93 0.72
N ALA B 213 12.96 18.18 1.64
CA ALA B 213 14.30 17.64 1.46
C ALA B 213 14.32 16.75 0.22
N ALA B 214 13.24 16.00 0.01
CA ALA B 214 13.12 15.10 -1.13
C ALA B 214 12.87 15.81 -2.46
N GLY B 215 12.63 17.12 -2.42
CA GLY B 215 12.41 17.85 -3.64
C GLY B 215 10.98 18.02 -4.16
N ALA B 216 9.99 17.92 -3.30
CA ALA B 216 8.60 18.09 -3.74
C ALA B 216 8.40 19.54 -4.20
N SER B 217 7.61 19.72 -5.25
CA SER B 217 7.35 21.07 -5.77
C SER B 217 6.19 21.73 -5.02
N ARG B 218 5.25 20.92 -4.53
CA ARG B 218 4.11 21.42 -3.77
C ARG B 218 3.92 20.57 -2.51
N ILE B 219 3.85 21.26 -1.38
CA ILE B 219 3.64 20.59 -0.11
C ILE B 219 2.45 21.23 0.60
N ILE B 220 1.34 20.51 0.68
CA ILE B 220 0.15 21.05 1.33
C ILE B 220 0.00 20.57 2.76
N GLY B 221 0.01 21.51 3.70
CA GLY B 221 -0.17 21.17 5.09
C GLY B 221 -1.65 21.25 5.41
N VAL B 222 -2.20 20.20 6.02
CA VAL B 222 -3.61 20.14 6.36
C VAL B 222 -3.80 19.97 7.85
N GLY B 223 -4.44 20.97 8.48
CA GLY B 223 -4.68 20.92 9.91
C GLY B 223 -5.80 21.86 10.30
N THR B 224 -6.20 21.85 11.57
CA THR B 224 -7.29 22.70 12.04
C THR B 224 -6.87 23.81 13.00
N HIS B 225 -5.57 24.05 13.10
CA HIS B 225 -5.05 25.11 13.98
C HIS B 225 -4.24 26.06 13.11
N LYS B 226 -4.93 27.03 12.53
CA LYS B 226 -4.31 28.01 11.64
C LYS B 226 -3.11 28.76 12.20
N ASP B 227 -3.01 28.87 13.52
CA ASP B 227 -1.87 29.57 14.11
C ASP B 227 -0.53 28.87 13.80
N LYS B 228 -0.61 27.64 13.32
CA LYS B 228 0.59 26.86 12.97
C LYS B 228 1.01 27.05 11.53
N PHE B 229 0.08 27.47 10.67
CA PHE B 229 0.33 27.66 9.26
C PHE B 229 1.56 28.48 8.88
N PRO B 230 1.80 29.61 9.56
CA PRO B 230 3.00 30.38 9.19
C PRO B 230 4.27 29.53 9.35
N LYS B 231 4.34 28.81 10.47
CA LYS B 231 5.47 27.94 10.78
C LYS B 231 5.65 26.90 9.69
N ALA B 232 4.55 26.22 9.36
CA ALA B 232 4.56 25.19 8.33
C ALA B 232 5.14 25.72 7.02
N ILE B 233 4.70 26.90 6.61
CA ILE B 233 5.21 27.51 5.38
C ILE B 233 6.71 27.74 5.50
N GLU B 234 7.12 28.32 6.63
CA GLU B 234 8.54 28.59 6.87
C GLU B 234 9.40 27.34 6.73
N LEU B 235 8.86 26.19 7.13
CA LEU B 235 9.61 24.94 7.07
C LEU B 235 9.50 24.17 5.76
N GLY B 236 8.77 24.71 4.79
CA GLY B 236 8.66 24.01 3.52
C GLY B 236 7.30 23.86 2.88
N ALA B 237 6.24 24.02 3.65
CA ALA B 237 4.91 23.90 3.08
C ALA B 237 4.66 25.07 2.13
N THR B 238 4.07 24.79 0.98
CA THR B 238 3.78 25.83 -0.01
C THR B 238 2.38 26.39 0.23
N GLU B 239 1.61 25.74 1.10
CA GLU B 239 0.28 26.19 1.44
C GLU B 239 -0.35 25.29 2.48
N CYS B 240 -1.30 25.85 3.22
CA CYS B 240 -2.01 25.12 4.27
C CYS B 240 -3.52 25.19 4.09
N LEU B 241 -4.21 24.14 4.52
CA LEU B 241 -5.66 24.08 4.42
C LEU B 241 -6.27 23.69 5.76
N ASN B 242 -7.33 24.38 6.14
CA ASN B 242 -8.04 24.09 7.37
C ASN B 242 -9.38 23.49 6.97
N PRO B 243 -9.53 22.16 7.12
CA PRO B 243 -10.76 21.44 6.78
C PRO B 243 -12.04 22.04 7.39
N LYS B 244 -11.92 22.70 8.53
CA LYS B 244 -13.07 23.31 9.17
C LYS B 244 -13.62 24.53 8.42
N ASP B 245 -12.79 25.14 7.57
CA ASP B 245 -13.23 26.30 6.78
C ASP B 245 -14.06 25.82 5.61
N TYR B 246 -13.96 24.53 5.30
CA TYR B 246 -14.66 23.97 4.15
C TYR B 246 -15.95 23.23 4.40
N ASP B 247 -16.85 23.38 3.44
CA ASP B 247 -18.14 22.71 3.49
C ASP B 247 -17.99 21.44 2.66
N LYS B 248 -17.26 21.53 1.55
CA LYS B 248 -17.08 20.32 0.75
C LYS B 248 -15.91 19.52 1.33
N PRO B 249 -15.88 18.21 1.10
CA PRO B 249 -14.83 17.32 1.60
C PRO B 249 -13.41 17.83 1.30
N ILE B 250 -12.54 17.70 2.29
CA ILE B 250 -11.17 18.15 2.13
C ILE B 250 -10.46 17.50 0.94
N TYR B 251 -10.79 16.25 0.64
CA TYR B 251 -10.14 15.56 -0.47
C TYR B 251 -10.60 16.05 -1.82
N GLU B 252 -11.83 16.57 -1.91
CA GLU B 252 -12.31 17.09 -3.17
C GLU B 252 -11.60 18.42 -3.41
N VAL B 253 -11.41 19.17 -2.32
CA VAL B 253 -10.73 20.46 -2.39
C VAL B 253 -9.31 20.23 -2.90
N ILE B 254 -8.60 19.28 -2.30
CA ILE B 254 -7.24 18.98 -2.71
C ILE B 254 -7.14 18.45 -4.14
N CYS B 255 -8.02 17.53 -4.53
CA CYS B 255 -7.98 16.99 -5.88
C CYS B 255 -8.24 18.09 -6.91
N GLU B 256 -9.14 19.01 -6.59
CA GLU B 256 -9.44 20.09 -7.51
C GLU B 256 -8.25 21.05 -7.68
N LYS B 257 -7.43 21.16 -6.64
CA LYS B 257 -6.27 22.05 -6.68
C LYS B 257 -5.01 21.38 -7.23
N THR B 258 -5.04 20.07 -7.42
CA THR B 258 -3.86 19.36 -7.87
C THR B 258 -4.05 18.42 -9.05
N ASN B 259 -4.93 18.80 -9.99
CA ASN B 259 -5.17 17.98 -11.18
C ASN B 259 -5.48 16.51 -10.89
N GLY B 260 -6.38 16.25 -9.94
CA GLY B 260 -6.72 14.88 -9.63
C GLY B 260 -6.25 14.35 -8.29
N GLY B 261 -5.35 15.08 -7.63
CA GLY B 261 -4.85 14.63 -6.34
C GLY B 261 -3.33 14.65 -6.24
N VAL B 262 -2.81 14.66 -5.02
CA VAL B 262 -1.37 14.68 -4.81
C VAL B 262 -0.77 13.31 -5.07
N ASP B 263 0.54 13.26 -5.25
CA ASP B 263 1.24 12.01 -5.51
C ASP B 263 1.50 11.25 -4.21
N TYR B 264 1.73 12.00 -3.12
CA TYR B 264 2.01 11.40 -1.83
C TYR B 264 1.25 12.10 -0.69
N ALA B 265 0.66 11.31 0.19
CA ALA B 265 -0.05 11.84 1.34
C ALA B 265 0.49 11.16 2.60
N VAL B 266 0.69 11.95 3.64
CA VAL B 266 1.19 11.43 4.91
C VAL B 266 0.20 11.83 6.00
N GLU B 267 -0.40 10.83 6.65
CA GLU B 267 -1.38 11.05 7.71
C GLU B 267 -0.66 10.89 9.06
N CYS B 268 -0.68 11.96 9.86
CA CYS B 268 -0.01 11.96 11.16
C CYS B 268 -0.94 12.24 12.32
N ALA B 269 -2.22 11.96 12.18
CA ALA B 269 -3.15 12.22 13.27
C ALA B 269 -3.57 10.92 13.95
N GLY B 270 -3.77 9.88 13.16
CA GLY B 270 -4.18 8.61 13.73
C GLY B 270 -5.67 8.40 13.67
N ARG B 271 -6.41 9.46 13.35
CA ARG B 271 -7.86 9.38 13.25
C ARG B 271 -8.27 8.66 11.96
N ILE B 272 -9.28 7.82 12.06
CA ILE B 272 -9.76 7.08 10.90
C ILE B 272 -10.22 8.04 9.80
N GLU B 273 -10.90 9.10 10.19
CA GLU B 273 -11.39 10.08 9.23
C GLU B 273 -10.24 10.71 8.43
N THR B 274 -9.20 11.18 9.11
CA THR B 274 -8.07 11.79 8.43
C THR B 274 -7.38 10.80 7.51
N MET B 275 -7.29 9.54 7.94
CA MET B 275 -6.67 8.51 7.12
C MET B 275 -7.46 8.38 5.83
N MET B 276 -8.78 8.35 5.96
CA MET B 276 -9.66 8.23 4.79
C MET B 276 -9.51 9.46 3.90
N ASN B 277 -9.44 10.64 4.50
CA ASN B 277 -9.31 11.87 3.72
C ASN B 277 -7.97 11.90 2.98
N ALA B 278 -6.92 11.46 3.68
CA ALA B 278 -5.57 11.42 3.10
C ALA B 278 -5.55 10.54 1.85
N LEU B 279 -6.12 9.35 1.98
CA LEU B 279 -6.15 8.40 0.87
C LEU B 279 -6.86 8.93 -0.37
N GLN B 280 -8.03 9.53 -0.17
CA GLN B 280 -8.80 10.07 -1.28
C GLN B 280 -8.22 11.37 -1.83
N SER B 281 -7.22 11.93 -1.15
CA SER B 281 -6.58 13.17 -1.59
C SER B 281 -5.49 12.86 -2.62
N THR B 282 -5.16 11.58 -2.77
CA THR B 282 -4.13 11.17 -3.71
C THR B 282 -4.71 10.81 -5.08
N TYR B 283 -3.91 11.03 -6.12
CA TYR B 283 -4.30 10.72 -7.48
C TYR B 283 -4.68 9.24 -7.55
N CYS B 284 -5.85 8.94 -8.10
CA CYS B 284 -6.33 7.57 -8.18
C CYS B 284 -5.45 6.64 -9.02
N GLY B 285 -4.69 7.21 -9.95
CA GLY B 285 -3.84 6.39 -10.81
C GLY B 285 -2.50 5.95 -10.24
N SER B 286 -2.04 6.55 -9.15
CA SER B 286 -0.73 6.18 -8.60
C SER B 286 -0.40 6.73 -7.21
N GLY B 287 -1.32 7.50 -6.63
CA GLY B 287 -1.08 8.09 -5.32
C GLY B 287 -0.61 7.12 -4.24
N VAL B 288 0.25 7.60 -3.36
CA VAL B 288 0.76 6.78 -2.27
C VAL B 288 0.38 7.44 -0.95
N THR B 289 -0.23 6.66 -0.05
CA THR B 289 -0.62 7.17 1.26
C THR B 289 0.08 6.41 2.37
N VAL B 290 0.64 7.17 3.31
CA VAL B 290 1.35 6.59 4.45
C VAL B 290 0.64 6.94 5.76
N VAL B 291 0.35 5.94 6.56
CA VAL B 291 -0.29 6.18 7.85
C VAL B 291 0.78 5.93 8.91
N LEU B 292 0.85 6.81 9.91
CA LEU B 292 1.84 6.70 10.97
C LEU B 292 1.20 6.63 12.34
N GLY B 293 0.01 7.21 12.47
CA GLY B 293 -0.67 7.23 13.75
C GLY B 293 -1.49 5.98 14.05
N LEU B 294 -1.96 5.87 15.29
CA LEU B 294 -2.75 4.73 15.73
C LEU B 294 -4.12 5.22 16.22
N ALA B 295 -5.19 4.62 15.73
CA ALA B 295 -6.53 5.01 16.15
C ALA B 295 -6.82 4.37 17.51
N SER B 296 -8.02 4.60 18.03
CA SER B 296 -8.42 4.04 19.32
C SER B 296 -8.30 2.52 19.33
N PRO B 297 -8.41 1.90 20.52
CA PRO B 297 -8.32 0.46 20.71
C PRO B 297 -8.56 -0.43 19.49
N ASN B 298 -9.80 -0.51 19.02
CA ASN B 298 -10.10 -1.34 17.87
C ASN B 298 -10.97 -0.70 16.79
N GLU B 299 -10.63 0.52 16.40
CA GLU B 299 -11.35 1.21 15.35
C GLU B 299 -10.90 0.64 14.01
N ARG B 300 -11.79 0.70 13.02
CA ARG B 300 -11.46 0.16 11.71
C ARG B 300 -11.66 1.16 10.58
N LEU B 301 -10.84 1.04 9.55
CA LEU B 301 -10.90 1.90 8.38
C LEU B 301 -11.79 1.24 7.34
N PRO B 302 -13.02 1.74 7.16
CA PRO B 302 -13.96 1.16 6.18
C PRO B 302 -13.44 1.41 4.76
N LEU B 303 -12.54 0.54 4.32
CA LEU B 303 -11.91 0.68 3.02
C LEU B 303 -12.60 0.06 1.81
N ASP B 304 -12.85 0.88 0.80
CA ASP B 304 -13.48 0.43 -0.43
C ASP B 304 -12.32 -0.01 -1.35
N PRO B 305 -12.19 -1.32 -1.60
CA PRO B 305 -11.13 -1.86 -2.45
C PRO B 305 -10.96 -1.12 -3.77
N LEU B 306 -12.06 -0.55 -4.24
CA LEU B 306 -12.07 0.20 -5.49
C LEU B 306 -11.12 1.40 -5.46
N LEU B 307 -10.86 1.95 -4.28
CA LEU B 307 -9.96 3.09 -4.19
C LEU B 307 -8.52 2.70 -4.49
N LEU B 308 -8.21 1.41 -4.30
CA LEU B 308 -6.85 0.91 -4.54
C LEU B 308 -6.65 0.36 -5.95
N LEU B 309 -7.72 -0.22 -6.49
CA LEU B 309 -7.71 -0.85 -7.80
C LEU B 309 -7.18 -0.04 -8.98
N THR B 310 -7.38 1.27 -8.96
CA THR B 310 -6.90 2.09 -10.06
C THR B 310 -5.41 2.40 -10.02
N GLY B 311 -4.75 2.07 -8.91
CA GLY B 311 -3.32 2.32 -8.81
C GLY B 311 -2.77 2.89 -7.52
N ARG B 312 -3.60 3.00 -6.48
CA ARG B 312 -3.13 3.56 -5.21
C ARG B 312 -2.41 2.55 -4.34
N SER B 313 -1.64 3.07 -3.38
CA SER B 313 -0.91 2.26 -2.42
C SER B 313 -1.15 2.86 -1.04
N LEU B 314 -1.34 1.99 -0.06
CA LEU B 314 -1.56 2.40 1.32
C LEU B 314 -0.46 1.70 2.11
N LYS B 315 0.41 2.48 2.74
CA LYS B 315 1.54 1.95 3.50
C LYS B 315 1.59 2.49 4.92
N GLY B 316 2.36 1.80 5.75
CA GLY B 316 2.55 2.20 7.12
C GLY B 316 3.98 1.88 7.49
N SER B 317 4.47 2.50 8.55
CA SER B 317 5.83 2.27 9.02
C SER B 317 5.99 2.80 10.43
N VAL B 318 7.08 2.41 11.07
CA VAL B 318 7.41 2.85 12.42
C VAL B 318 8.82 3.46 12.37
N PHE B 319 9.04 4.49 13.17
CA PHE B 319 10.33 5.16 13.23
C PHE B 319 10.81 5.59 11.84
N GLY B 320 9.87 6.10 11.02
CA GLY B 320 10.19 6.55 9.67
C GLY B 320 10.89 5.53 8.79
N GLY B 321 10.81 4.25 9.17
CA GLY B 321 11.46 3.21 8.40
C GLY B 321 12.95 3.17 8.62
N PHE B 322 13.45 4.04 9.50
CA PHE B 322 14.89 4.09 9.78
C PHE B 322 15.35 2.93 10.66
N LYS B 323 16.59 2.49 10.43
CA LYS B 323 17.22 1.44 11.24
C LYS B 323 18.06 2.18 12.28
N GLY B 324 18.29 1.55 13.42
CA GLY B 324 19.08 2.20 14.46
C GLY B 324 20.45 2.66 14.00
N GLU B 325 21.06 1.89 13.10
CA GLU B 325 22.39 2.20 12.57
C GLU B 325 22.40 3.48 11.73
N GLU B 326 21.23 4.05 11.46
CA GLU B 326 21.13 5.26 10.65
C GLU B 326 20.89 6.54 11.44
N VAL B 327 20.63 6.40 12.73
CA VAL B 327 20.38 7.56 13.58
C VAL B 327 21.54 8.55 13.61
N SER B 328 22.75 8.03 13.78
CA SER B 328 23.95 8.88 13.81
C SER B 328 24.04 9.76 12.57
N ARG B 329 23.83 9.16 11.40
CA ARG B 329 23.87 9.88 10.14
C ARG B 329 22.90 11.06 10.17
N LEU B 330 21.74 10.86 10.80
CA LEU B 330 20.74 11.92 10.93
C LEU B 330 21.26 13.05 11.80
N VAL B 331 21.97 12.71 12.87
CA VAL B 331 22.52 13.72 13.76
C VAL B 331 23.60 14.52 13.01
N ASP B 332 24.41 13.82 12.21
CA ASP B 332 25.45 14.49 11.45
C ASP B 332 24.85 15.53 10.52
N ASP B 333 23.87 15.13 9.73
CA ASP B 333 23.22 16.05 8.79
C ASP B 333 22.62 17.23 9.55
N TYR B 334 22.11 16.97 10.74
CA TYR B 334 21.53 18.01 11.57
C TYR B 334 22.61 19.04 11.94
N MET B 335 23.77 18.56 12.35
CA MET B 335 24.85 19.46 12.73
C MET B 335 25.50 20.17 11.54
N LYS B 336 25.31 19.64 10.35
CA LYS B 336 25.86 20.25 9.15
C LYS B 336 24.82 21.20 8.55
N LYS B 337 23.76 21.44 9.31
CA LYS B 337 22.69 22.33 8.91
C LYS B 337 21.86 21.82 7.74
N LYS B 338 22.01 20.55 7.38
CA LYS B 338 21.23 20.00 6.26
C LYS B 338 19.75 19.88 6.65
N ILE B 339 19.50 19.77 7.95
CA ILE B 339 18.14 19.69 8.49
C ILE B 339 18.15 20.41 9.83
N ASN B 340 17.24 21.36 9.99
CA ASN B 340 17.19 22.15 11.23
C ASN B 340 16.16 21.64 12.22
N VAL B 341 16.47 20.50 12.85
CA VAL B 341 15.62 19.86 13.83
C VAL B 341 15.20 20.82 14.96
N ASN B 342 16.13 21.63 15.42
CA ASN B 342 15.85 22.58 16.50
C ASN B 342 14.73 23.56 16.16
N PHE B 343 14.45 23.76 14.88
CA PHE B 343 13.39 24.68 14.49
C PHE B 343 12.03 24.13 14.92
N LEU B 344 11.97 22.84 15.20
CA LEU B 344 10.72 22.22 15.62
C LEU B 344 10.47 22.31 17.13
N VAL B 345 11.50 22.67 17.89
CA VAL B 345 11.34 22.81 19.33
C VAL B 345 10.66 24.15 19.61
N SER B 346 9.40 24.10 20.03
CA SER B 346 8.62 25.28 20.34
C SER B 346 8.58 25.65 21.82
N THR B 347 9.04 24.75 22.67
CA THR B 347 9.00 24.99 24.11
C THR B 347 10.04 24.15 24.85
N LYS B 348 10.74 24.74 25.81
CA LYS B 348 11.73 24.05 26.62
C LYS B 348 11.27 24.09 28.08
N LEU B 349 11.19 22.93 28.71
CA LEU B 349 10.74 22.86 30.09
C LEU B 349 11.67 22.03 30.97
N THR B 350 11.30 21.94 32.24
CA THR B 350 12.04 21.15 33.21
C THR B 350 11.15 19.94 33.42
N LEU B 351 11.68 18.89 34.04
CA LEU B 351 10.91 17.69 34.29
C LEU B 351 9.69 17.96 35.16
N ASP B 352 9.80 18.98 36.01
CA ASP B 352 8.70 19.34 36.91
C ASP B 352 7.48 19.86 36.16
N GLN B 353 7.71 20.45 34.99
CA GLN B 353 6.62 21.02 34.21
C GLN B 353 6.11 20.09 33.11
N ILE B 354 6.52 18.83 33.16
CA ILE B 354 6.12 17.86 32.16
C ILE B 354 4.64 17.89 31.81
N ASN B 355 3.79 18.09 32.80
CA ASN B 355 2.35 18.13 32.55
C ASN B 355 1.94 19.31 31.66
N LYS B 356 2.74 20.36 31.65
CA LYS B 356 2.45 21.51 30.80
C LYS B 356 2.50 21.04 29.35
N ALA B 357 3.54 20.29 29.03
CA ALA B 357 3.73 19.77 27.68
C ALA B 357 2.51 19.00 27.18
N PHE B 358 1.94 18.15 28.03
CA PHE B 358 0.75 17.40 27.62
C PHE B 358 -0.40 18.36 27.41
N GLU B 359 -0.46 19.42 28.23
CA GLU B 359 -1.52 20.41 28.12
C GLU B 359 -1.45 21.09 26.75
N LEU B 360 -0.23 21.42 26.33
CA LEU B 360 -0.04 22.06 25.03
C LEU B 360 -0.51 21.14 23.90
N LEU B 361 -0.19 19.86 24.00
CA LEU B 361 -0.64 18.91 22.99
C LEU B 361 -2.16 18.86 23.01
N SER B 362 -2.71 18.48 24.16
CA SER B 362 -4.17 18.38 24.33
C SER B 362 -4.89 19.51 23.63
N SER B 363 -4.45 20.75 23.87
CA SER B 363 -5.07 21.91 23.25
C SER B 363 -4.87 21.87 21.74
N GLY B 364 -3.67 21.49 21.31
CA GLY B 364 -3.37 21.40 19.89
C GLY B 364 -2.61 22.60 19.35
N GLN B 365 -1.52 22.96 20.01
CA GLN B 365 -0.71 24.10 19.58
C GLN B 365 0.77 23.85 19.76
N GLY B 366 1.59 24.65 19.07
CA GLY B 366 3.02 24.50 19.17
C GLY B 366 3.52 23.47 18.17
N VAL B 367 4.76 23.00 18.35
CA VAL B 367 5.33 22.01 17.45
C VAL B 367 5.83 20.80 18.24
N ARG B 368 6.72 21.05 19.20
CA ARG B 368 7.26 19.98 20.03
C ARG B 368 8.06 20.51 21.21
N SER B 369 7.56 20.24 22.41
CA SER B 369 8.21 20.66 23.65
C SER B 369 9.22 19.60 24.07
N ILE B 370 10.32 20.03 24.68
CA ILE B 370 11.31 19.09 25.18
C ILE B 370 11.69 19.53 26.58
N MET B 371 12.24 18.60 27.35
CA MET B 371 12.67 18.90 28.71
C MET B 371 14.17 18.79 28.83
N ILE B 372 14.75 19.75 29.53
CA ILE B 372 16.18 19.77 29.76
C ILE B 372 16.35 19.37 31.22
N TYR B 373 17.02 18.25 31.46
CA TYR B 373 17.23 17.76 32.81
C TYR B 373 18.49 18.39 33.43
#